data_8UWF
#
_entry.id   8UWF
#
_entity_poly.entity_id   1
_entity_poly.type   'polypeptide(L)'
_entity_poly.pdbx_seq_one_letter_code
;GNECIRKWLSCVDRKNDCCEGLECWKRRGNKSSVCVPIT
;
_entity_poly.pdbx_strand_id   A
#
# COMPACT_ATOMS: atom_id res chain seq x y z
N GLY A 1 18.25 3.19 -4.27
CA GLY A 1 17.27 4.03 -4.93
C GLY A 1 15.88 3.88 -4.35
N ASN A 2 14.87 4.14 -5.16
CA ASN A 2 13.48 4.03 -4.72
C ASN A 2 12.71 3.03 -5.57
N GLU A 3 12.50 1.83 -5.03
CA GLU A 3 11.78 0.78 -5.74
C GLU A 3 10.69 0.18 -4.87
N CYS A 4 9.68 0.98 -4.54
CA CYS A 4 8.57 0.53 -3.71
C CYS A 4 7.41 1.51 -3.78
N ILE A 5 6.24 1.07 -3.35
CA ILE A 5 5.04 1.89 -3.36
C ILE A 5 4.98 2.80 -2.13
N ARG A 6 4.82 4.10 -2.36
CA ARG A 6 4.75 5.06 -1.27
C ARG A 6 3.49 4.84 -0.43
N LYS A 7 3.22 5.78 0.48
CA LYS A 7 2.05 5.67 1.35
C LYS A 7 0.81 6.25 0.66
N TRP A 8 -0.34 5.69 1.00
CA TRP A 8 -1.60 6.14 0.41
C TRP A 8 -1.64 5.87 -1.09
N LEU A 9 -1.13 4.70 -1.49
CA LEU A 9 -1.10 4.32 -2.90
C LEU A 9 -1.82 3.00 -3.12
N SER A 10 -2.37 2.82 -4.32
CA SER A 10 -3.09 1.60 -4.65
C SER A 10 -2.14 0.42 -4.74
N CYS A 11 -2.49 -0.68 -4.06
CA CYS A 11 -1.68 -1.88 -4.06
C CYS A 11 -2.51 -3.12 -4.38
N VAL A 12 -3.33 -3.02 -5.42
CA VAL A 12 -4.18 -4.12 -5.83
C VAL A 12 -3.39 -5.42 -5.93
N ASP A 13 -2.38 -5.44 -6.79
CA ASP A 13 -1.54 -6.61 -6.98
C ASP A 13 -0.09 -6.31 -6.60
N ARG A 14 0.09 -5.38 -5.67
CA ARG A 14 1.43 -5.00 -5.23
C ARG A 14 1.50 -4.94 -3.70
N LYS A 15 0.77 -5.84 -3.05
CA LYS A 15 0.75 -5.89 -1.59
C LYS A 15 2.16 -6.04 -1.03
N ASN A 16 2.98 -6.82 -1.71
CA ASN A 16 4.37 -7.03 -1.28
C ASN A 16 5.31 -6.03 -1.93
N ASP A 17 4.76 -4.88 -2.33
CA ASP A 17 5.55 -3.84 -2.96
C ASP A 17 5.60 -2.59 -2.09
N CYS A 18 4.65 -2.48 -1.16
CA CYS A 18 4.59 -1.33 -0.27
C CYS A 18 5.96 -1.01 0.30
N CYS A 19 6.28 0.28 0.39
CA CYS A 19 7.56 0.72 0.92
C CYS A 19 7.74 0.24 2.36
N GLU A 20 8.87 0.62 2.96
CA GLU A 20 9.16 0.23 4.33
C GLU A 20 8.36 1.07 5.33
N GLY A 21 7.52 0.39 6.10
CA GLY A 21 6.69 1.08 7.08
C GLY A 21 5.24 1.19 6.63
N LEU A 22 4.89 0.46 5.58
CA LEU A 22 3.52 0.48 5.07
C LEU A 22 2.99 -0.93 4.87
N GLU A 23 1.67 -1.06 4.82
CA GLU A 23 1.03 -2.36 4.64
C GLU A 23 -0.22 -2.24 3.77
N CYS A 24 -0.35 -3.15 2.82
CA CYS A 24 -1.49 -3.16 1.91
C CYS A 24 -2.80 -3.39 2.67
N TRP A 25 -3.50 -2.31 2.96
CA TRP A 25 -4.77 -2.40 3.69
C TRP A 25 -5.95 -2.27 2.74
N LYS A 26 -6.92 -3.18 2.87
CA LYS A 26 -8.10 -3.16 2.03
C LYS A 26 -9.11 -2.13 2.52
N ARG A 27 -9.70 -1.39 1.59
CA ARG A 27 -10.68 -0.38 1.93
C ARG A 27 -12.09 -0.83 1.56
N ARG A 28 -13.09 -0.07 2.01
CA ARG A 28 -14.48 -0.40 1.73
C ARG A 28 -15.07 0.55 0.70
N GLY A 29 -14.99 1.84 0.97
CA GLY A 29 -15.52 2.84 0.06
C GLY A 29 -14.65 2.99 -1.19
N ASN A 30 -13.35 2.81 -1.03
CA ASN A 30 -12.42 2.93 -2.14
C ASN A 30 -12.48 1.69 -3.03
N LYS A 31 -12.71 0.53 -2.42
CA LYS A 31 -12.78 -0.71 -3.16
C LYS A 31 -11.44 -1.04 -3.83
N SER A 32 -10.36 -0.66 -3.17
CA SER A 32 -9.02 -0.89 -3.71
C SER A 32 -7.97 -0.82 -2.60
N SER A 33 -7.35 -1.96 -2.31
CA SER A 33 -6.33 -2.02 -1.27
C SER A 33 -5.26 -0.95 -1.47
N VAL A 34 -4.84 -0.32 -0.38
CA VAL A 34 -3.83 0.73 -0.44
C VAL A 34 -2.82 0.58 0.70
N CYS A 35 -1.58 0.98 0.43
CA CYS A 35 -0.53 0.90 1.43
C CYS A 35 -0.75 1.93 2.54
N VAL A 36 -1.00 1.44 3.75
CA VAL A 36 -1.22 2.32 4.89
C VAL A 36 -0.06 2.24 5.88
N PRO A 37 0.13 3.32 6.65
CA PRO A 37 1.20 3.40 7.66
C PRO A 37 0.96 2.47 8.83
N ILE A 38 1.95 1.65 9.14
CA ILE A 38 1.86 0.70 10.26
C ILE A 38 2.59 1.23 11.48
N THR A 39 2.28 0.65 12.65
CA THR A 39 2.92 1.05 13.89
C THR A 39 3.86 -0.03 14.40
N GLY A 1 17.61 6.85 -4.59
CA GLY A 1 16.76 6.03 -5.44
C GLY A 1 15.77 5.21 -4.64
N ASN A 2 14.52 5.19 -5.08
CA ASN A 2 13.48 4.43 -4.41
C ASN A 2 12.75 3.51 -5.38
N GLU A 3 12.55 2.26 -4.98
CA GLU A 3 11.86 1.29 -5.82
C GLU A 3 10.82 0.52 -5.02
N CYS A 4 9.78 1.22 -4.59
CA CYS A 4 8.70 0.62 -3.82
C CYS A 4 7.49 1.52 -3.75
N ILE A 5 6.31 0.93 -3.54
CA ILE A 5 5.07 1.70 -3.45
C ILE A 5 5.06 2.58 -2.21
N ARG A 6 4.92 3.88 -2.41
CA ARG A 6 4.89 4.84 -1.30
C ARG A 6 3.62 4.65 -0.47
N LYS A 7 3.37 5.60 0.43
CA LYS A 7 2.20 5.54 1.29
C LYS A 7 0.97 6.10 0.58
N TRP A 8 -0.19 5.56 0.90
CA TRP A 8 -1.44 6.02 0.29
C TRP A 8 -1.46 5.72 -1.20
N LEU A 9 -0.98 4.54 -1.56
CA LEU A 9 -0.93 4.12 -2.97
C LEU A 9 -1.69 2.81 -3.18
N SER A 10 -2.23 2.64 -4.38
CA SER A 10 -2.97 1.42 -4.69
C SER A 10 -2.05 0.22 -4.76
N CYS A 11 -2.43 -0.86 -4.08
CA CYS A 11 -1.63 -2.07 -4.06
C CYS A 11 -2.49 -3.30 -4.35
N VAL A 12 -3.32 -3.20 -5.40
CA VAL A 12 -4.19 -4.30 -5.79
C VAL A 12 -3.42 -5.62 -5.86
N ASP A 13 -2.42 -5.68 -6.73
CA ASP A 13 -1.62 -6.88 -6.88
C ASP A 13 -0.16 -6.60 -6.54
N ARG A 14 0.07 -5.64 -5.64
CA ARG A 14 1.41 -5.28 -5.23
C ARG A 14 1.51 -5.18 -3.71
N LYS A 15 0.77 -6.04 -3.01
CA LYS A 15 0.77 -6.05 -1.55
C LYS A 15 2.19 -6.21 -1.02
N ASN A 16 3.02 -6.95 -1.75
CA ASN A 16 4.40 -7.18 -1.34
C ASN A 16 5.33 -6.16 -1.98
N ASP A 17 4.79 -5.00 -2.34
CA ASP A 17 5.57 -3.94 -2.96
C ASP A 17 5.63 -2.71 -2.07
N CYS A 18 4.68 -2.61 -1.13
CA CYS A 18 4.62 -1.49 -0.21
C CYS A 18 6.00 -1.18 0.35
N CYS A 19 6.33 0.10 0.43
CA CYS A 19 7.61 0.53 0.96
C CYS A 19 7.80 0.06 2.40
N GLU A 20 8.93 0.43 3.00
CA GLU A 20 9.23 0.04 4.37
C GLU A 20 8.43 0.87 5.36
N GLY A 21 7.57 0.20 6.13
CA GLY A 21 6.76 0.90 7.11
C GLY A 21 5.31 1.02 6.67
N LEU A 22 4.95 0.29 5.61
CA LEU A 22 3.59 0.33 5.09
C LEU A 22 3.03 -1.08 4.91
N GLU A 23 1.72 -1.20 4.84
CA GLU A 23 1.06 -2.48 4.67
C GLU A 23 -0.18 -2.35 3.79
N CYS A 24 -0.33 -3.27 2.84
CA CYS A 24 -1.47 -3.25 1.94
C CYS A 24 -2.77 -3.46 2.71
N TRP A 25 -3.47 -2.36 2.98
CA TRP A 25 -4.73 -2.41 3.71
C TRP A 25 -5.91 -2.29 2.76
N LYS A 26 -6.89 -3.18 2.91
CA LYS A 26 -8.07 -3.17 2.06
C LYS A 26 -9.07 -2.13 2.54
N ARG A 27 -9.67 -1.41 1.60
CA ARG A 27 -10.64 -0.37 1.93
C ARG A 27 -12.05 -0.83 1.58
N ARG A 28 -13.05 -0.07 2.03
CA ARG A 28 -14.44 -0.39 1.76
C ARG A 28 -14.99 0.46 0.61
N GLY A 29 -15.06 1.76 0.83
CA GLY A 29 -15.56 2.66 -0.20
C GLY A 29 -14.65 2.74 -1.41
N ASN A 30 -13.35 2.77 -1.16
CA ASN A 30 -12.37 2.84 -2.24
C ASN A 30 -12.39 1.57 -3.08
N LYS A 31 -12.67 0.44 -2.43
CA LYS A 31 -12.73 -0.84 -3.12
C LYS A 31 -11.39 -1.16 -3.79
N SER A 32 -10.30 -0.74 -3.16
CA SER A 32 -8.97 -0.98 -3.71
C SER A 32 -7.92 -0.90 -2.60
N SER A 33 -7.30 -2.05 -2.30
CA SER A 33 -6.28 -2.11 -1.26
C SER A 33 -5.21 -1.05 -1.48
N VAL A 34 -4.78 -0.41 -0.40
CA VAL A 34 -3.75 0.62 -0.47
C VAL A 34 -2.76 0.49 0.67
N CYS A 35 -1.51 0.87 0.40
CA CYS A 35 -0.45 0.79 1.40
C CYS A 35 -0.65 1.83 2.49
N VAL A 36 -0.91 1.36 3.71
CA VAL A 36 -1.12 2.27 4.84
C VAL A 36 0.04 2.18 5.84
N PRO A 37 0.25 3.26 6.59
CA PRO A 37 1.32 3.33 7.59
C PRO A 37 1.05 2.43 8.80
N ILE A 38 2.02 1.59 9.13
CA ILE A 38 1.89 0.67 10.26
C ILE A 38 2.63 1.20 11.48
N THR A 39 2.30 0.66 12.65
CA THR A 39 2.93 1.08 13.89
C THR A 39 3.96 0.04 14.35
N GLY A 1 18.15 2.96 -5.92
CA GLY A 1 17.44 4.18 -5.57
C GLY A 1 16.14 3.91 -4.84
N ASN A 2 15.03 3.97 -5.57
CA ASN A 2 13.71 3.73 -4.99
C ASN A 2 12.96 2.68 -5.77
N GLU A 3 12.60 1.58 -5.09
CA GLU A 3 11.87 0.49 -5.72
C GLU A 3 10.76 -0.03 -4.81
N CYS A 4 9.75 0.79 -4.59
CA CYS A 4 8.63 0.42 -3.74
C CYS A 4 7.50 1.44 -3.84
N ILE A 5 6.32 1.05 -3.39
CA ILE A 5 5.16 1.94 -3.43
C ILE A 5 5.10 2.83 -2.19
N ARG A 6 4.94 4.13 -2.42
CA ARG A 6 4.87 5.09 -1.32
C ARG A 6 3.62 4.87 -0.48
N LYS A 7 3.33 5.82 0.40
CA LYS A 7 2.15 5.75 1.25
C LYS A 7 0.93 6.32 0.56
N TRP A 8 -0.24 5.79 0.89
CA TRP A 8 -1.49 6.25 0.30
C TRP A 8 -1.51 5.98 -1.20
N LEU A 9 -1.04 4.81 -1.60
CA LEU A 9 -0.99 4.43 -3.01
C LEU A 9 -1.71 3.11 -3.24
N SER A 10 -2.28 2.96 -4.43
CA SER A 10 -3.00 1.74 -4.78
C SER A 10 -2.06 0.54 -4.86
N CYS A 11 -2.41 -0.54 -4.18
CA CYS A 11 -1.59 -1.75 -4.18
C CYS A 11 -2.43 -2.98 -4.51
N VAL A 12 -3.24 -2.87 -5.56
CA VAL A 12 -4.10 -3.97 -5.98
C VAL A 12 -3.31 -5.27 -6.08
N ASP A 13 -2.23 -5.24 -6.85
CA ASP A 13 -1.39 -6.42 -7.03
C ASP A 13 0.06 -6.13 -6.62
N ARG A 14 0.21 -5.26 -5.63
CA ARG A 14 1.53 -4.89 -5.13
C ARG A 14 1.59 -4.94 -3.62
N LYS A 15 0.87 -5.90 -3.03
CA LYS A 15 0.83 -6.05 -1.58
C LYS A 15 2.25 -6.13 -1.01
N ASN A 16 3.13 -6.85 -1.71
CA ASN A 16 4.51 -6.99 -1.28
C ASN A 16 5.41 -5.97 -1.94
N ASP A 17 4.82 -4.86 -2.37
CA ASP A 17 5.56 -3.79 -3.03
C ASP A 17 5.64 -2.54 -2.14
N CYS A 18 4.68 -2.43 -1.22
CA CYS A 18 4.63 -1.29 -0.32
C CYS A 18 6.02 -0.99 0.25
N CYS A 19 6.34 0.29 0.35
CA CYS A 19 7.63 0.71 0.89
C CYS A 19 7.80 0.25 2.33
N GLU A 20 8.93 0.61 2.94
CA GLU A 20 9.20 0.23 4.32
C GLU A 20 8.39 1.08 5.29
N GLY A 21 7.53 0.42 6.07
CA GLY A 21 6.71 1.13 7.03
C GLY A 21 5.28 1.26 6.58
N LEU A 22 4.92 0.52 5.53
CA LEU A 22 3.56 0.55 4.99
C LEU A 22 3.02 -0.87 4.80
N GLU A 23 1.70 -0.98 4.73
CA GLU A 23 1.06 -2.27 4.54
C GLU A 23 -0.19 -2.15 3.66
N CYS A 24 -0.32 -3.05 2.71
CA CYS A 24 -1.46 -3.03 1.79
C CYS A 24 -2.77 -3.27 2.55
N TRP A 25 -3.47 -2.19 2.85
CA TRP A 25 -4.74 -2.28 3.58
C TRP A 25 -5.92 -2.15 2.63
N LYS A 26 -6.82 -3.13 2.67
CA LYS A 26 -8.00 -3.13 1.82
C LYS A 26 -9.04 -2.15 2.33
N ARG A 27 -9.66 -1.41 1.42
CA ARG A 27 -10.69 -0.44 1.78
C ARG A 27 -12.08 -0.98 1.47
N ARG A 28 -13.10 -0.28 1.95
CA ARG A 28 -14.48 -0.69 1.73
C ARG A 28 -15.10 0.09 0.57
N GLY A 29 -15.28 1.40 0.77
CA GLY A 29 -15.87 2.23 -0.26
C GLY A 29 -14.93 2.42 -1.44
N ASN A 30 -13.65 2.60 -1.16
CA ASN A 30 -12.65 2.81 -2.21
C ASN A 30 -12.58 1.59 -3.12
N LYS A 31 -12.76 0.41 -2.55
CA LYS A 31 -12.71 -0.84 -3.31
C LYS A 31 -11.36 -1.00 -4.00
N SER A 32 -10.29 -0.56 -3.32
CA SER A 32 -8.95 -0.67 -3.87
C SER A 32 -7.91 -0.62 -2.76
N SER A 33 -7.30 -1.76 -2.48
CA SER A 33 -6.28 -1.85 -1.43
C SER A 33 -5.21 -0.79 -1.63
N VAL A 34 -4.78 -0.18 -0.53
CA VAL A 34 -3.75 0.86 -0.57
C VAL A 34 -2.75 0.70 0.57
N CYS A 35 -1.51 1.09 0.32
CA CYS A 35 -0.47 1.00 1.33
C CYS A 35 -0.68 2.02 2.44
N VAL A 36 -0.95 1.53 3.65
CA VAL A 36 -1.18 2.41 4.79
C VAL A 36 -0.02 2.33 5.79
N PRO A 37 0.17 3.41 6.56
CA PRO A 37 1.23 3.48 7.57
C PRO A 37 0.98 2.54 8.75
N ILE A 38 1.97 1.71 9.07
CA ILE A 38 1.85 0.78 10.18
C ILE A 38 2.59 1.29 11.41
N THR A 39 2.25 0.73 12.57
CA THR A 39 2.87 1.13 13.83
C THR A 39 3.76 0.02 14.37
N GLY A 1 18.36 4.37 -4.73
CA GLY A 1 17.17 5.10 -5.16
C GLY A 1 15.90 4.57 -4.53
N ASN A 2 14.77 4.99 -5.06
CA ASN A 2 13.47 4.56 -4.53
C ASN A 2 12.76 3.63 -5.51
N GLU A 3 12.53 2.39 -5.07
CA GLU A 3 11.86 1.40 -5.91
C GLU A 3 10.82 0.63 -5.11
N CYS A 4 9.77 1.32 -4.69
CA CYS A 4 8.71 0.71 -3.91
C CYS A 4 7.48 1.61 -3.84
N ILE A 5 6.32 1.01 -3.61
CA ILE A 5 5.08 1.77 -3.53
C ILE A 5 5.05 2.65 -2.29
N ARG A 6 4.91 3.96 -2.50
CA ARG A 6 4.87 4.91 -1.40
C ARG A 6 3.61 4.72 -0.56
N LYS A 7 3.35 5.67 0.34
CA LYS A 7 2.18 5.61 1.20
C LYS A 7 0.95 6.17 0.49
N TRP A 8 -0.22 5.62 0.81
CA TRP A 8 -1.47 6.06 0.20
C TRP A 8 -1.48 5.76 -1.28
N LEU A 9 -0.99 4.58 -1.65
CA LEU A 9 -0.96 4.16 -3.05
C LEU A 9 -1.69 2.85 -3.25
N SER A 10 -2.23 2.65 -4.45
CA SER A 10 -2.97 1.44 -4.77
C SER A 10 -2.03 0.24 -4.83
N CYS A 11 -2.40 -0.83 -4.14
CA CYS A 11 -1.60 -2.05 -4.12
C CYS A 11 -2.46 -3.28 -4.41
N VAL A 12 -3.27 -3.18 -5.46
CA VAL A 12 -4.14 -4.29 -5.85
C VAL A 12 -3.36 -5.61 -5.91
N ASP A 13 -2.39 -5.67 -6.82
CA ASP A 13 -1.58 -6.87 -6.97
C ASP A 13 -0.12 -6.59 -6.63
N ARG A 14 0.11 -5.62 -5.74
CA ARG A 14 1.45 -5.25 -5.33
C ARG A 14 1.55 -5.14 -3.81
N LYS A 15 0.81 -5.99 -3.10
CA LYS A 15 0.81 -5.99 -1.65
C LYS A 15 2.23 -6.14 -1.10
N ASN A 16 3.07 -6.87 -1.83
CA ASN A 16 4.45 -7.09 -1.42
C ASN A 16 5.37 -6.06 -2.06
N ASP A 17 4.81 -4.93 -2.42
CA ASP A 17 5.60 -3.86 -3.05
C ASP A 17 5.64 -2.62 -2.14
N CYS A 18 4.70 -2.54 -1.21
CA CYS A 18 4.63 -1.41 -0.29
C CYS A 18 6.01 -1.10 0.28
N CYS A 19 6.34 0.19 0.35
CA CYS A 19 7.63 0.63 0.87
C CYS A 19 7.82 0.16 2.31
N GLU A 20 8.94 0.54 2.90
CA GLU A 20 9.25 0.15 4.28
C GLU A 20 8.44 0.99 5.26
N GLY A 21 7.60 0.31 6.05
CA GLY A 21 6.78 1.01 7.02
C GLY A 21 5.33 1.12 6.58
N LEU A 22 4.97 0.39 5.54
CA LEU A 22 3.60 0.42 5.02
C LEU A 22 3.07 -1.00 4.84
N GLU A 23 1.74 -1.12 4.77
CA GLU A 23 1.10 -2.41 4.61
C GLU A 23 -0.15 -2.30 3.72
N CYS A 24 -0.29 -3.21 2.78
CA CYS A 24 -1.44 -3.21 1.88
C CYS A 24 -2.74 -3.42 2.65
N TRP A 25 -3.43 -2.32 2.92
CA TRP A 25 -4.69 -2.38 3.65
C TRP A 25 -5.88 -2.27 2.70
N LYS A 26 -6.85 -3.17 2.85
CA LYS A 26 -8.03 -3.17 2.01
C LYS A 26 -9.04 -2.14 2.48
N ARG A 27 -9.65 -1.43 1.53
CA ARG A 27 -10.63 -0.40 1.86
C ARG A 27 -12.04 -0.88 1.53
N ARG A 28 -13.04 -0.12 1.97
CA ARG A 28 -14.44 -0.47 1.71
C ARG A 28 -15.00 0.35 0.56
N GLY A 29 -15.08 1.66 0.75
CA GLY A 29 -15.60 2.52 -0.29
C GLY A 29 -14.68 2.61 -1.49
N ASN A 30 -13.38 2.68 -1.24
CA ASN A 30 -12.40 2.77 -2.32
C ASN A 30 -12.40 1.50 -3.15
N LYS A 31 -12.67 0.36 -2.50
CA LYS A 31 -12.70 -0.92 -3.18
C LYS A 31 -11.36 -1.21 -3.86
N SER A 32 -10.28 -0.78 -3.23
CA SER A 32 -8.94 -1.00 -3.77
C SER A 32 -7.89 -0.92 -2.67
N SER A 33 -7.27 -2.05 -2.35
CA SER A 33 -6.24 -2.11 -1.32
C SER A 33 -5.18 -1.03 -1.54
N VAL A 34 -4.76 -0.39 -0.45
CA VAL A 34 -3.75 0.66 -0.53
C VAL A 34 -2.74 0.53 0.60
N CYS A 35 -1.50 0.92 0.32
CA CYS A 35 -0.44 0.85 1.33
C CYS A 35 -0.65 1.89 2.42
N VAL A 36 -0.89 1.42 3.64
CA VAL A 36 -1.11 2.32 4.77
C VAL A 36 0.05 2.25 5.76
N PRO A 37 0.25 3.34 6.51
CA PRO A 37 1.33 3.42 7.52
C PRO A 37 1.06 2.52 8.71
N ILE A 38 2.04 1.68 9.04
CA ILE A 38 1.92 0.77 10.17
C ILE A 38 2.66 1.30 11.40
N THR A 39 2.39 0.70 12.55
CA THR A 39 3.03 1.11 13.79
C THR A 39 4.16 0.16 14.18
N GLY A 1 12.21 6.39 -0.57
CA GLY A 1 11.39 5.93 -1.68
C GLY A 1 12.13 5.94 -3.00
N ASN A 2 12.66 4.79 -3.39
CA ASN A 2 13.40 4.66 -4.64
C ASN A 2 12.68 3.74 -5.62
N GLU A 3 12.50 2.49 -5.21
CA GLU A 3 11.83 1.50 -6.04
C GLU A 3 10.80 0.71 -5.24
N CYS A 4 9.75 1.41 -4.80
CA CYS A 4 8.70 0.78 -4.03
C CYS A 4 7.47 1.69 -3.93
N ILE A 5 6.31 1.09 -3.70
CA ILE A 5 5.07 1.85 -3.59
C ILE A 5 5.07 2.71 -2.33
N ARG A 6 4.92 4.02 -2.51
CA ARG A 6 4.90 4.95 -1.40
C ARG A 6 3.65 4.75 -0.55
N LYS A 7 3.41 5.68 0.36
CA LYS A 7 2.24 5.61 1.24
C LYS A 7 1.00 6.18 0.55
N TRP A 8 -0.16 5.64 0.88
CA TRP A 8 -1.41 6.09 0.30
C TRP A 8 -1.44 5.82 -1.20
N LEU A 9 -0.97 4.65 -1.60
CA LEU A 9 -0.94 4.26 -3.00
C LEU A 9 -1.68 2.95 -3.23
N SER A 10 -2.24 2.79 -4.42
CA SER A 10 -2.98 1.59 -4.76
C SER A 10 -2.05 0.38 -4.86
N CYS A 11 -2.42 -0.70 -4.19
CA CYS A 11 -1.63 -1.92 -4.20
C CYS A 11 -2.49 -3.14 -4.51
N VAL A 12 -3.30 -3.03 -5.56
CA VAL A 12 -4.17 -4.13 -5.96
C VAL A 12 -3.41 -5.44 -6.04
N ASP A 13 -2.44 -5.49 -6.96
CA ASP A 13 -1.63 -6.70 -7.14
C ASP A 13 -0.17 -6.43 -6.80
N ARG A 14 0.05 -5.48 -5.90
CA ARG A 14 1.41 -5.12 -5.49
C ARG A 14 1.52 -5.04 -3.97
N LYS A 15 0.79 -5.90 -3.28
CA LYS A 15 0.80 -5.92 -1.83
C LYS A 15 2.22 -6.09 -1.29
N ASN A 16 3.05 -6.81 -2.05
CA ASN A 16 4.43 -7.05 -1.66
C ASN A 16 5.36 -6.01 -2.29
N ASP A 17 4.80 -4.85 -2.62
CA ASP A 17 5.58 -3.78 -3.23
C ASP A 17 5.64 -2.56 -2.30
N CYS A 18 4.71 -2.50 -1.36
CA CYS A 18 4.66 -1.39 -0.41
C CYS A 18 6.05 -1.09 0.15
N CYS A 19 6.37 0.19 0.24
CA CYS A 19 7.67 0.61 0.75
C CYS A 19 7.88 0.12 2.18
N GLU A 20 9.01 0.48 2.78
CA GLU A 20 9.32 0.07 4.14
C GLU A 20 8.52 0.88 5.15
N GLY A 21 7.69 0.19 5.92
CA GLY A 21 6.88 0.86 6.93
C GLY A 21 5.43 1.00 6.51
N LEU A 22 5.06 0.29 5.45
CA LEU A 22 3.69 0.33 4.94
C LEU A 22 3.14 -1.08 4.74
N GLU A 23 1.82 -1.19 4.68
CA GLU A 23 1.17 -2.48 4.48
C GLU A 23 -0.08 -2.33 3.63
N CYS A 24 -0.24 -3.23 2.67
CA CYS A 24 -1.40 -3.20 1.77
C CYS A 24 -2.69 -3.43 2.56
N TRP A 25 -3.38 -2.33 2.86
CA TRP A 25 -4.63 -2.40 3.61
C TRP A 25 -5.83 -2.27 2.68
N LYS A 26 -6.79 -3.18 2.80
CA LYS A 26 -7.98 -3.17 1.98
C LYS A 26 -8.99 -2.15 2.50
N ARG A 27 -9.64 -1.44 1.58
CA ARG A 27 -10.64 -0.43 1.95
C ARG A 27 -12.04 -0.94 1.66
N ARG A 28 -13.04 -0.21 2.16
CA ARG A 28 -14.44 -0.58 1.96
C ARG A 28 -15.04 0.17 0.79
N GLY A 29 -15.06 1.51 0.90
CA GLY A 29 -15.62 2.32 -0.16
C GLY A 29 -14.69 2.44 -1.35
N ASN A 30 -13.41 2.69 -1.09
CA ASN A 30 -12.42 2.82 -2.15
C ASN A 30 -12.42 1.58 -3.04
N LYS A 31 -12.67 0.42 -2.44
CA LYS A 31 -12.69 -0.83 -3.18
C LYS A 31 -11.35 -1.08 -3.87
N SER A 32 -10.28 -0.67 -3.22
CA SER A 32 -8.93 -0.86 -3.77
C SER A 32 -7.88 -0.80 -2.68
N SER A 33 -7.27 -1.94 -2.38
CA SER A 33 -6.24 -2.01 -1.34
C SER A 33 -5.18 -0.95 -1.56
N VAL A 34 -4.74 -0.33 -0.47
CA VAL A 34 -3.71 0.71 -0.55
C VAL A 34 -2.69 0.56 0.59
N CYS A 35 -1.46 0.94 0.31
CA CYS A 35 -0.39 0.85 1.30
C CYS A 35 -0.58 1.88 2.42
N VAL A 36 -0.82 1.39 3.62
CA VAL A 36 -1.02 2.26 4.78
C VAL A 36 0.15 2.16 5.76
N PRO A 37 0.36 3.23 6.52
CA PRO A 37 1.44 3.29 7.52
C PRO A 37 1.19 2.37 8.70
N ILE A 38 2.17 1.52 9.01
CA ILE A 38 2.05 0.59 10.12
C ILE A 38 2.80 1.10 11.35
N THR A 39 2.55 0.48 12.50
CA THR A 39 3.21 0.86 13.74
C THR A 39 3.99 -0.31 14.33
N GLY A 1 16.65 3.45 -1.85
CA GLY A 1 15.71 2.66 -2.61
C GLY A 1 14.54 3.48 -3.12
N ASN A 2 14.32 3.45 -4.42
CA ASN A 2 13.22 4.19 -5.03
C ASN A 2 12.38 3.29 -5.93
N GLU A 3 12.18 2.05 -5.49
CA GLU A 3 11.39 1.09 -6.25
C GLU A 3 10.37 0.39 -5.36
N CYS A 4 9.40 1.15 -4.89
CA CYS A 4 8.35 0.61 -4.02
C CYS A 4 7.17 1.56 -3.92
N ILE A 5 5.98 1.02 -3.68
CA ILE A 5 4.77 1.82 -3.56
C ILE A 5 4.81 2.68 -2.29
N ARG A 6 4.73 3.99 -2.46
CA ARG A 6 4.76 4.92 -1.34
C ARG A 6 3.51 4.75 -0.48
N LYS A 7 3.32 5.66 0.46
CA LYS A 7 2.17 5.62 1.36
C LYS A 7 0.94 6.22 0.69
N TRP A 8 -0.23 5.72 1.05
CA TRP A 8 -1.48 6.21 0.47
C TRP A 8 -1.54 5.95 -1.02
N LEU A 9 -1.05 4.78 -1.44
CA LEU A 9 -1.04 4.41 -2.85
C LEU A 9 -1.73 3.07 -3.06
N SER A 10 -2.33 2.91 -4.24
CA SER A 10 -3.03 1.67 -4.57
C SER A 10 -2.05 0.52 -4.75
N CYS A 11 -2.34 -0.61 -4.12
CA CYS A 11 -1.48 -1.78 -4.20
C CYS A 11 -2.27 -2.99 -4.70
N VAL A 12 -3.10 -2.77 -5.72
CA VAL A 12 -3.90 -3.84 -6.30
C VAL A 12 -3.03 -5.03 -6.69
N ASP A 13 -3.06 -6.07 -5.87
CA ASP A 13 -2.28 -7.28 -6.13
C ASP A 13 -0.79 -6.98 -6.04
N ARG A 14 -0.44 -5.98 -5.23
CA ARG A 14 0.97 -5.60 -5.06
C ARG A 14 1.30 -5.43 -3.58
N LYS A 15 0.69 -6.26 -2.74
CA LYS A 15 0.92 -6.21 -1.30
C LYS A 15 2.41 -6.28 -0.98
N ASN A 16 3.15 -6.98 -1.84
CA ASN A 16 4.60 -7.13 -1.65
C ASN A 16 5.36 -6.02 -2.38
N ASP A 17 4.69 -4.89 -2.59
CA ASP A 17 5.30 -3.76 -3.27
C ASP A 17 5.38 -2.55 -2.35
N CYS A 18 4.48 -2.49 -1.38
CA CYS A 18 4.46 -1.38 -0.42
C CYS A 18 5.86 -1.10 0.12
N CYS A 19 6.19 0.18 0.23
CA CYS A 19 7.50 0.58 0.73
C CYS A 19 7.71 0.08 2.16
N GLU A 20 8.85 0.44 2.74
CA GLU A 20 9.17 0.03 4.10
C GLU A 20 8.41 0.87 5.12
N GLY A 21 7.57 0.19 5.91
CA GLY A 21 6.79 0.89 6.92
C GLY A 21 5.33 1.05 6.52
N LEU A 22 4.93 0.33 5.47
CA LEU A 22 3.55 0.39 4.99
C LEU A 22 2.99 -1.00 4.79
N GLU A 23 1.66 -1.09 4.71
CA GLU A 23 0.98 -2.37 4.53
C GLU A 23 -0.26 -2.20 3.66
N CYS A 24 -0.42 -3.10 2.69
CA CYS A 24 -1.57 -3.06 1.79
C CYS A 24 -2.87 -3.26 2.56
N TRP A 25 -3.54 -2.15 2.86
CA TRP A 25 -4.80 -2.21 3.59
C TRP A 25 -5.99 -2.05 2.65
N LYS A 26 -6.86 -3.06 2.63
CA LYS A 26 -8.03 -3.04 1.77
C LYS A 26 -9.07 -2.04 2.29
N ARG A 27 -9.64 -1.27 1.36
CA ARG A 27 -10.64 -0.26 1.72
C ARG A 27 -12.05 -0.75 1.38
N ARG A 28 -13.05 -0.02 1.85
CA ARG A 28 -14.44 -0.39 1.59
C ARG A 28 -15.02 0.44 0.45
N GLY A 29 -15.27 1.72 0.72
CA GLY A 29 -15.82 2.60 -0.29
C GLY A 29 -14.84 2.87 -1.42
N ASN A 30 -13.56 2.93 -1.08
CA ASN A 30 -12.51 3.19 -2.07
C ASN A 30 -12.49 2.10 -3.14
N LYS A 31 -12.80 0.87 -2.72
CA LYS A 31 -12.82 -0.26 -3.64
C LYS A 31 -11.45 -0.49 -4.25
N SER A 32 -10.41 -0.25 -3.47
CA SER A 32 -9.04 -0.42 -3.94
C SER A 32 -8.05 -0.35 -2.78
N SER A 33 -7.51 -1.51 -2.40
CA SER A 33 -6.55 -1.58 -1.30
C SER A 33 -5.42 -0.57 -1.50
N VAL A 34 -4.96 0.02 -0.40
CA VAL A 34 -3.88 1.00 -0.46
C VAL A 34 -2.88 0.78 0.68
N CYS A 35 -1.62 1.11 0.42
CA CYS A 35 -0.57 0.96 1.41
C CYS A 35 -0.73 1.98 2.55
N VAL A 36 -0.97 1.49 3.75
CA VAL A 36 -1.15 2.35 4.91
C VAL A 36 0.02 2.22 5.87
N PRO A 37 0.26 3.28 6.65
CA PRO A 37 1.35 3.32 7.64
C PRO A 37 1.11 2.38 8.82
N ILE A 38 2.08 1.53 9.09
CA ILE A 38 1.96 0.57 10.20
C ILE A 38 2.74 1.05 11.41
N THR A 39 2.49 0.42 12.56
CA THR A 39 3.16 0.78 13.79
C THR A 39 3.99 -0.38 14.34
N GLY A 1 18.52 4.44 -4.24
CA GLY A 1 17.37 5.25 -4.65
C GLY A 1 16.08 4.76 -4.01
N ASN A 2 14.97 4.95 -4.72
CA ASN A 2 13.66 4.54 -4.21
C ASN A 2 12.93 3.70 -5.26
N GLU A 3 12.68 2.43 -4.93
CA GLU A 3 11.98 1.53 -5.83
C GLU A 3 10.89 0.76 -5.10
N CYS A 4 9.87 1.48 -4.64
CA CYS A 4 8.77 0.86 -3.92
C CYS A 4 7.57 1.80 -3.87
N ILE A 5 6.38 1.23 -3.64
CA ILE A 5 5.15 2.02 -3.56
C ILE A 5 5.12 2.85 -2.29
N ARG A 6 4.96 4.16 -2.45
CA ARG A 6 4.89 5.07 -1.31
C ARG A 6 3.63 4.83 -0.48
N LYS A 7 3.35 5.75 0.43
CA LYS A 7 2.17 5.64 1.28
C LYS A 7 0.94 6.23 0.59
N TRP A 8 -0.22 5.67 0.90
CA TRP A 8 -1.47 6.13 0.30
C TRP A 8 -1.48 5.89 -1.19
N LEU A 9 -0.99 4.72 -1.60
CA LEU A 9 -0.95 4.35 -3.02
C LEU A 9 -1.66 3.04 -3.26
N SER A 10 -2.21 2.88 -4.47
CA SER A 10 -2.92 1.67 -4.83
C SER A 10 -1.98 0.47 -4.91
N CYS A 11 -2.34 -0.62 -4.27
CA CYS A 11 -1.52 -1.83 -4.27
C CYS A 11 -2.35 -3.05 -4.61
N VAL A 12 -3.18 -2.93 -5.65
CA VAL A 12 -4.03 -4.04 -6.08
C VAL A 12 -3.24 -5.33 -6.20
N ASP A 13 -2.15 -5.30 -6.96
CA ASP A 13 -1.30 -6.47 -7.16
C ASP A 13 0.14 -6.18 -6.74
N ARG A 14 0.30 -5.31 -5.75
CA ARG A 14 1.62 -4.94 -5.26
C ARG A 14 1.68 -5.00 -3.74
N LYS A 15 0.97 -5.96 -3.16
CA LYS A 15 0.94 -6.12 -1.72
C LYS A 15 2.34 -6.21 -1.14
N ASN A 16 3.23 -6.91 -1.85
CA ASN A 16 4.61 -7.07 -1.41
C ASN A 16 5.50 -6.02 -2.07
N ASP A 17 4.91 -4.91 -2.48
CA ASP A 17 5.65 -3.83 -3.12
C ASP A 17 5.71 -2.59 -2.23
N CYS A 18 4.75 -2.49 -1.32
CA CYS A 18 4.69 -1.36 -0.40
C CYS A 18 6.06 -1.06 0.18
N CYS A 19 6.38 0.23 0.31
CA CYS A 19 7.67 0.65 0.85
C CYS A 19 7.84 0.16 2.29
N GLU A 20 8.96 0.52 2.90
CA GLU A 20 9.23 0.11 4.28
C GLU A 20 8.41 0.93 5.26
N GLY A 21 7.56 0.25 6.02
CA GLY A 21 6.73 0.93 7.00
C GLY A 21 5.30 1.06 6.55
N LEU A 22 4.95 0.34 5.48
CA LEU A 22 3.58 0.38 4.95
C LEU A 22 3.05 -1.03 4.74
N GLU A 23 1.72 -1.15 4.67
CA GLU A 23 1.09 -2.45 4.46
C GLU A 23 -0.15 -2.31 3.58
N CYS A 24 -0.29 -3.20 2.60
CA CYS A 24 -1.41 -3.18 1.69
C CYS A 24 -2.72 -3.43 2.44
N TRP A 25 -3.43 -2.34 2.74
CA TRP A 25 -4.70 -2.44 3.46
C TRP A 25 -5.88 -2.29 2.50
N LYS A 26 -6.85 -3.20 2.61
CA LYS A 26 -8.03 -3.17 1.75
C LYS A 26 -9.04 -2.15 2.26
N ARG A 27 -9.64 -1.41 1.33
CA ARG A 27 -10.63 -0.40 1.68
C ARG A 27 -12.03 -0.87 1.32
N ARG A 28 -13.04 -0.12 1.78
CA ARG A 28 -14.43 -0.46 1.50
C ARG A 28 -14.99 0.40 0.37
N GLY A 29 -15.09 1.70 0.62
CA GLY A 29 -15.61 2.60 -0.39
C GLY A 29 -14.69 2.72 -1.59
N ASN A 30 -13.39 2.77 -1.34
CA ASN A 30 -12.41 2.88 -2.40
C ASN A 30 -12.39 1.63 -3.27
N LYS A 31 -12.62 0.48 -2.64
CA LYS A 31 -12.65 -0.79 -3.35
C LYS A 31 -11.31 -1.05 -4.03
N SER A 32 -10.22 -0.62 -3.39
CA SER A 32 -8.89 -0.81 -3.93
C SER A 32 -7.84 -0.77 -2.82
N SER A 33 -7.21 -1.91 -2.55
CA SER A 33 -6.19 -2.00 -1.51
C SER A 33 -5.13 -0.92 -1.69
N VAL A 34 -4.71 -0.32 -0.59
CA VAL A 34 -3.70 0.74 -0.62
C VAL A 34 -2.71 0.58 0.53
N CYS A 35 -1.46 0.97 0.28
CA CYS A 35 -0.42 0.87 1.29
C CYS A 35 -0.65 1.89 2.41
N VAL A 36 -0.92 1.38 3.61
CA VAL A 36 -1.15 2.24 4.76
C VAL A 36 -0.01 2.15 5.76
N PRO A 37 0.17 3.22 6.55
CA PRO A 37 1.24 3.29 7.57
C PRO A 37 0.98 2.34 8.73
N ILE A 38 1.97 1.51 9.04
CA ILE A 38 1.85 0.56 10.14
C ILE A 38 2.58 1.06 11.38
N THR A 39 2.43 0.34 12.48
CA THR A 39 3.08 0.71 13.74
C THR A 39 3.94 -0.44 14.27
N GLY A 1 18.06 5.27 -4.81
CA GLY A 1 17.10 4.69 -5.73
C GLY A 1 15.87 4.15 -5.02
N ASN A 2 14.73 4.78 -5.26
CA ASN A 2 13.48 4.36 -4.64
C ASN A 2 12.66 3.50 -5.59
N GLU A 3 12.41 2.25 -5.20
CA GLU A 3 11.63 1.33 -6.02
C GLU A 3 10.60 0.59 -5.18
N CYS A 4 9.62 1.34 -4.67
CA CYS A 4 8.56 0.76 -3.86
C CYS A 4 7.36 1.70 -3.77
N ILE A 5 6.18 1.12 -3.58
CA ILE A 5 4.95 1.90 -3.49
C ILE A 5 4.95 2.76 -2.22
N ARG A 6 4.83 4.07 -2.40
CA ARG A 6 4.82 5.00 -1.28
C ARG A 6 3.55 4.82 -0.45
N LYS A 7 3.32 5.74 0.47
CA LYS A 7 2.14 5.68 1.34
C LYS A 7 0.92 6.26 0.64
N TRP A 8 -0.25 5.72 0.96
CA TRP A 8 -1.49 6.18 0.36
C TRP A 8 -1.51 5.92 -1.15
N LEU A 9 -1.01 4.75 -1.54
CA LEU A 9 -0.96 4.38 -2.95
C LEU A 9 -1.65 3.04 -3.18
N SER A 10 -2.22 2.86 -4.37
CA SER A 10 -2.91 1.63 -4.72
C SER A 10 -1.91 0.47 -4.85
N CYS A 11 -2.22 -0.64 -4.19
CA CYS A 11 -1.35 -1.80 -4.22
C CYS A 11 -2.12 -3.03 -4.73
N VAL A 12 -2.94 -2.81 -5.77
CA VAL A 12 -3.72 -3.90 -6.35
C VAL A 12 -2.83 -5.08 -6.73
N ASP A 13 -2.86 -6.12 -5.90
CA ASP A 13 -2.06 -7.32 -6.15
C ASP A 13 -0.56 -7.01 -6.02
N ARG A 14 -0.24 -6.00 -5.21
CA ARG A 14 1.15 -5.61 -5.01
C ARG A 14 1.46 -5.43 -3.54
N LYS A 15 0.85 -6.26 -2.70
CA LYS A 15 1.06 -6.19 -1.26
C LYS A 15 2.54 -6.27 -0.92
N ASN A 16 3.30 -6.96 -1.76
CA ASN A 16 4.74 -7.10 -1.55
C ASN A 16 5.51 -5.99 -2.27
N ASP A 17 4.84 -4.87 -2.50
CA ASP A 17 5.46 -3.74 -3.18
C ASP A 17 5.51 -2.52 -2.25
N CYS A 18 4.59 -2.46 -1.30
CA CYS A 18 4.54 -1.35 -0.35
C CYS A 18 5.92 -1.06 0.22
N CYS A 19 6.24 0.23 0.34
CA CYS A 19 7.53 0.65 0.88
C CYS A 19 7.73 0.12 2.30
N GLU A 20 8.86 0.48 2.90
CA GLU A 20 9.17 0.05 4.26
C GLU A 20 8.38 0.87 5.28
N GLY A 21 7.53 0.18 6.04
CA GLY A 21 6.72 0.85 7.05
C GLY A 21 5.28 1.01 6.63
N LEU A 22 4.90 0.31 5.57
CA LEU A 22 3.52 0.38 5.06
C LEU A 22 2.97 -1.03 4.84
N GLU A 23 1.64 -1.11 4.74
CA GLU A 23 0.97 -2.39 4.53
C GLU A 23 -0.26 -2.23 3.66
N CYS A 24 -0.41 -3.12 2.68
CA CYS A 24 -1.55 -3.08 1.77
C CYS A 24 -2.86 -3.29 2.52
N TRP A 25 -3.55 -2.20 2.82
CA TRP A 25 -4.82 -2.27 3.55
C TRP A 25 -6.00 -2.11 2.58
N LYS A 26 -6.92 -3.06 2.63
CA LYS A 26 -8.09 -3.03 1.76
C LYS A 26 -9.10 -2.00 2.26
N ARG A 27 -9.67 -1.24 1.33
CA ARG A 27 -10.65 -0.21 1.67
C ARG A 27 -12.05 -0.65 1.27
N ARG A 28 -13.05 0.10 1.71
CA ARG A 28 -14.44 -0.20 1.40
C ARG A 28 -14.96 0.69 0.28
N GLY A 29 -14.98 2.00 0.53
CA GLY A 29 -15.44 2.94 -0.46
C GLY A 29 -14.51 3.04 -1.66
N ASN A 30 -13.21 3.09 -1.39
CA ASN A 30 -12.22 3.20 -2.45
C ASN A 30 -12.26 1.97 -3.35
N LYS A 31 -12.58 0.82 -2.78
CA LYS A 31 -12.65 -0.42 -3.53
C LYS A 31 -11.31 -0.76 -4.17
N SER A 32 -10.23 -0.39 -3.48
CA SER A 32 -8.89 -0.65 -3.99
C SER A 32 -7.86 -0.60 -2.86
N SER A 33 -7.27 -1.76 -2.55
CA SER A 33 -6.28 -1.85 -1.48
C SER A 33 -5.20 -0.80 -1.67
N VAL A 34 -4.79 -0.18 -0.57
CA VAL A 34 -3.75 0.85 -0.60
C VAL A 34 -2.77 0.68 0.56
N CYS A 35 -1.52 1.05 0.32
CA CYS A 35 -0.48 0.94 1.34
C CYS A 35 -0.70 1.96 2.45
N VAL A 36 -0.93 1.47 3.67
CA VAL A 36 -1.16 2.33 4.82
C VAL A 36 -0.02 2.22 5.81
N PRO A 37 0.20 3.30 6.59
CA PRO A 37 1.26 3.35 7.60
C PRO A 37 0.98 2.43 8.79
N ILE A 38 1.94 1.58 9.11
CA ILE A 38 1.80 0.64 10.22
C ILE A 38 2.55 1.14 11.45
N THR A 39 2.38 0.43 12.56
CA THR A 39 3.03 0.79 13.81
C THR A 39 4.16 -0.18 14.15
N GLY A 1 16.75 3.43 -1.60
CA GLY A 1 15.61 2.56 -1.87
C GLY A 1 14.44 3.31 -2.46
N ASN A 2 14.57 3.73 -3.71
CA ASN A 2 13.51 4.47 -4.38
C ASN A 2 12.78 3.57 -5.38
N GLU A 3 12.58 2.31 -5.00
CA GLU A 3 11.89 1.36 -5.86
C GLU A 3 10.83 0.59 -5.07
N CYS A 4 9.79 1.29 -4.65
CA CYS A 4 8.71 0.68 -3.89
C CYS A 4 7.50 1.60 -3.83
N ILE A 5 6.33 1.01 -3.61
CA ILE A 5 5.09 1.78 -3.53
C ILE A 5 5.07 2.66 -2.28
N ARG A 6 4.94 3.96 -2.48
CA ARG A 6 4.89 4.91 -1.37
C ARG A 6 3.63 4.72 -0.55
N LYS A 7 3.37 5.67 0.35
CA LYS A 7 2.19 5.62 1.20
C LYS A 7 0.97 6.19 0.49
N TRP A 8 -0.20 5.65 0.81
CA TRP A 8 -1.44 6.11 0.20
C TRP A 8 -1.44 5.82 -1.30
N LEU A 9 -0.98 4.63 -1.67
CA LEU A 9 -0.93 4.22 -3.07
C LEU A 9 -1.68 2.91 -3.28
N SER A 10 -2.23 2.74 -4.49
CA SER A 10 -2.98 1.54 -4.81
C SER A 10 -2.06 0.33 -4.88
N CYS A 11 -2.45 -0.75 -4.21
CA CYS A 11 -1.66 -1.97 -4.19
C CYS A 11 -2.54 -3.19 -4.48
N VAL A 12 -3.37 -3.07 -5.51
CA VAL A 12 -4.26 -4.17 -5.90
C VAL A 12 -3.50 -5.49 -5.98
N ASP A 13 -2.48 -5.53 -6.82
CA ASP A 13 -1.67 -6.73 -7.01
C ASP A 13 -0.21 -6.45 -6.66
N ARG A 14 0.02 -5.51 -5.74
CA ARG A 14 1.37 -5.16 -5.33
C ARG A 14 1.46 -5.06 -3.82
N LYS A 15 0.72 -5.92 -3.13
CA LYS A 15 0.73 -5.94 -1.67
C LYS A 15 2.15 -6.12 -1.13
N ASN A 16 2.96 -6.86 -1.87
CA ASN A 16 4.34 -7.11 -1.46
C ASN A 16 5.29 -6.09 -2.10
N ASP A 17 4.75 -4.93 -2.45
CA ASP A 17 5.54 -3.87 -3.06
C ASP A 17 5.59 -2.64 -2.16
N CYS A 18 4.65 -2.55 -1.23
CA CYS A 18 4.59 -1.42 -0.31
C CYS A 18 5.97 -1.12 0.27
N CYS A 19 6.31 0.16 0.35
CA CYS A 19 7.60 0.58 0.88
C CYS A 19 7.77 0.10 2.32
N GLU A 20 8.90 0.46 2.93
CA GLU A 20 9.18 0.06 4.30
C GLU A 20 8.38 0.90 5.29
N GLY A 21 7.52 0.23 6.06
CA GLY A 21 6.69 0.93 7.03
C GLY A 21 5.26 1.07 6.59
N LEU A 22 4.90 0.34 5.54
CA LEU A 22 3.53 0.38 5.00
C LEU A 22 2.99 -1.02 4.80
N GLU A 23 1.66 -1.13 4.74
CA GLU A 23 1.01 -2.42 4.55
C GLU A 23 -0.24 -2.28 3.68
N CYS A 24 -0.39 -3.18 2.71
CA CYS A 24 -1.52 -3.17 1.81
C CYS A 24 -2.83 -3.37 2.57
N TRP A 25 -3.52 -2.26 2.85
CA TRP A 25 -4.78 -2.31 3.58
C TRP A 25 -5.96 -2.17 2.62
N LYS A 26 -6.95 -3.05 2.78
CA LYS A 26 -8.13 -3.02 1.94
C LYS A 26 -9.12 -1.98 2.42
N ARG A 27 -9.65 -1.19 1.48
CA ARG A 27 -10.61 -0.15 1.81
C ARG A 27 -12.01 -0.53 1.38
N ARG A 28 -13.02 0.03 2.03
CA ARG A 28 -14.41 -0.26 1.71
C ARG A 28 -14.93 0.68 0.62
N GLY A 29 -14.86 1.98 0.90
CA GLY A 29 -15.33 2.97 -0.06
C GLY A 29 -14.48 3.00 -1.32
N ASN A 30 -13.17 3.14 -1.14
CA ASN A 30 -12.24 3.18 -2.25
C ASN A 30 -12.33 1.92 -3.10
N LYS A 31 -12.63 0.80 -2.45
CA LYS A 31 -12.76 -0.48 -3.13
C LYS A 31 -11.45 -0.86 -3.83
N SER A 32 -10.33 -0.47 -3.22
CA SER A 32 -9.02 -0.76 -3.78
C SER A 32 -7.95 -0.73 -2.69
N SER A 33 -7.34 -1.88 -2.42
CA SER A 33 -6.31 -1.98 -1.40
C SER A 33 -5.24 -0.92 -1.62
N VAL A 34 -4.80 -0.30 -0.53
CA VAL A 34 -3.77 0.74 -0.60
C VAL A 34 -2.78 0.59 0.55
N CYS A 35 -1.53 0.96 0.29
CA CYS A 35 -0.48 0.88 1.30
C CYS A 35 -0.69 1.91 2.39
N VAL A 36 -0.93 1.45 3.60
CA VAL A 36 -1.15 2.33 4.74
C VAL A 36 -0.01 2.25 5.74
N PRO A 37 0.20 3.33 6.49
CA PRO A 37 1.27 3.40 7.50
C PRO A 37 0.99 2.50 8.70
N ILE A 38 1.96 1.65 9.04
CA ILE A 38 1.82 0.74 10.17
C ILE A 38 2.57 1.25 11.39
N THR A 39 2.37 0.59 12.52
CA THR A 39 3.02 0.98 13.76
C THR A 39 2.94 -0.14 14.79
N GLY A 1 12.75 1.93 -1.37
CA GLY A 1 12.74 3.39 -1.37
C GLY A 1 12.87 3.96 -2.78
N ASN A 2 13.62 3.27 -3.63
CA ASN A 2 13.82 3.72 -5.00
C ASN A 2 12.72 3.18 -5.92
N GLU A 3 12.28 1.96 -5.64
CA GLU A 3 11.24 1.33 -6.44
C GLU A 3 10.20 0.65 -5.55
N CYS A 4 9.42 1.46 -4.83
CA CYS A 4 8.39 0.94 -3.94
C CYS A 4 7.19 1.89 -3.89
N ILE A 5 6.01 1.33 -3.67
CA ILE A 5 4.79 2.12 -3.58
C ILE A 5 4.77 2.98 -2.33
N ARG A 6 4.70 4.30 -2.52
CA ARG A 6 4.68 5.22 -1.39
C ARG A 6 3.43 5.03 -0.54
N LYS A 7 3.22 5.92 0.42
CA LYS A 7 2.06 5.83 1.30
C LYS A 7 0.82 6.41 0.62
N TRP A 8 -0.34 5.88 0.97
CA TRP A 8 -1.59 6.34 0.40
C TRP A 8 -1.63 6.11 -1.11
N LEU A 9 -1.09 4.97 -1.54
CA LEU A 9 -1.05 4.63 -2.96
C LEU A 9 -1.71 3.28 -3.20
N SER A 10 -2.30 3.12 -4.39
CA SER A 10 -2.97 1.87 -4.74
C SER A 10 -1.96 0.74 -4.91
N CYS A 11 -2.23 -0.39 -4.27
CA CYS A 11 -1.35 -1.55 -4.34
C CYS A 11 -2.09 -2.76 -4.88
N VAL A 12 -2.91 -2.55 -5.90
CA VAL A 12 -3.69 -3.63 -6.51
C VAL A 12 -2.78 -4.78 -6.91
N ASP A 13 -2.78 -5.84 -6.11
CA ASP A 13 -1.97 -7.02 -6.38
C ASP A 13 -0.49 -6.68 -6.26
N ARG A 14 -0.17 -5.69 -5.43
CA ARG A 14 1.21 -5.28 -5.23
C ARG A 14 1.53 -5.12 -3.75
N LYS A 15 0.93 -5.98 -2.92
CA LYS A 15 1.15 -5.94 -1.49
C LYS A 15 2.63 -6.01 -1.15
N ASN A 16 3.40 -6.67 -2.00
CA ASN A 16 4.84 -6.80 -1.80
C ASN A 16 5.59 -5.67 -2.50
N ASP A 17 4.90 -4.55 -2.71
CA ASP A 17 5.50 -3.40 -3.37
C ASP A 17 5.55 -2.19 -2.44
N CYS A 18 4.63 -2.17 -1.48
CA CYS A 18 4.57 -1.08 -0.51
C CYS A 18 5.95 -0.76 0.05
N CYS A 19 6.25 0.52 0.19
CA CYS A 19 7.53 0.95 0.71
C CYS A 19 7.75 0.43 2.13
N GLU A 20 8.87 0.81 2.74
CA GLU A 20 9.18 0.37 4.10
C GLU A 20 8.39 1.16 5.13
N GLY A 21 7.55 0.46 5.89
CA GLY A 21 6.74 1.11 6.90
C GLY A 21 5.28 1.24 6.48
N LEU A 22 4.92 0.54 5.42
CA LEU A 22 3.55 0.58 4.92
C LEU A 22 3.01 -0.83 4.68
N GLU A 23 1.69 -0.94 4.59
CA GLU A 23 1.05 -2.24 4.37
C GLU A 23 -0.19 -2.09 3.51
N CYS A 24 -0.33 -2.97 2.52
CA CYS A 24 -1.48 -2.93 1.62
C CYS A 24 -2.77 -3.19 2.38
N TRP A 25 -3.48 -2.12 2.71
CA TRP A 25 -4.74 -2.23 3.44
C TRP A 25 -5.93 -2.09 2.50
N LYS A 26 -6.73 -3.15 2.41
CA LYS A 26 -7.90 -3.16 1.55
C LYS A 26 -8.95 -2.19 2.06
N ARG A 27 -9.56 -1.45 1.13
CA ARG A 27 -10.59 -0.47 1.48
C ARG A 27 -11.98 -0.99 1.10
N ARG A 28 -13.01 -0.28 1.56
CA ARG A 28 -14.38 -0.67 1.27
C ARG A 28 -14.98 0.22 0.19
N GLY A 29 -15.31 1.46 0.55
CA GLY A 29 -15.88 2.38 -0.41
C GLY A 29 -14.97 2.64 -1.60
N ASN A 30 -13.66 2.62 -1.34
CA ASN A 30 -12.68 2.85 -2.39
C ASN A 30 -12.58 1.65 -3.32
N LYS A 31 -12.72 0.45 -2.75
CA LYS A 31 -12.65 -0.78 -3.53
C LYS A 31 -11.29 -0.93 -4.20
N SER A 32 -10.25 -0.43 -3.52
CA SER A 32 -8.89 -0.51 -4.06
C SER A 32 -7.86 -0.47 -2.93
N SER A 33 -7.25 -1.62 -2.65
CA SER A 33 -6.25 -1.73 -1.60
C SER A 33 -5.19 -0.64 -1.76
N VAL A 34 -4.79 -0.05 -0.64
CA VAL A 34 -3.78 1.00 -0.65
C VAL A 34 -2.79 0.82 0.51
N CYS A 35 -1.55 1.22 0.27
CA CYS A 35 -0.50 1.10 1.28
C CYS A 35 -0.73 2.09 2.42
N VAL A 36 -0.95 1.57 3.62
CA VAL A 36 -1.19 2.41 4.78
C VAL A 36 -0.02 2.31 5.77
N PRO A 37 0.17 3.38 6.56
CA PRO A 37 1.24 3.43 7.57
C PRO A 37 0.99 2.48 8.73
N ILE A 38 1.98 1.64 9.03
CA ILE A 38 1.86 0.68 10.12
C ILE A 38 2.61 1.17 11.35
N THR A 39 2.50 0.42 12.44
CA THR A 39 3.15 0.78 13.70
C THR A 39 3.98 -0.40 14.24
N GLY A 1 18.31 4.12 -5.89
CA GLY A 1 17.38 5.12 -5.41
C GLY A 1 16.22 4.52 -4.63
N ASN A 2 15.01 4.72 -5.13
CA ASN A 2 13.82 4.20 -4.47
C ASN A 2 13.08 3.21 -5.39
N GLU A 3 12.76 2.05 -4.84
CA GLU A 3 12.05 1.03 -5.61
C GLU A 3 10.99 0.34 -4.74
N CYS A 4 9.92 1.07 -4.44
CA CYS A 4 8.83 0.53 -3.63
C CYS A 4 7.64 1.49 -3.63
N ILE A 5 6.44 0.93 -3.46
CA ILE A 5 5.22 1.73 -3.44
C ILE A 5 5.17 2.62 -2.20
N ARG A 6 5.05 3.92 -2.41
CA ARG A 6 4.99 4.88 -1.32
C ARG A 6 3.71 4.70 -0.51
N LYS A 7 3.43 5.65 0.38
CA LYS A 7 2.24 5.60 1.22
C LYS A 7 1.03 6.17 0.48
N TRP A 8 -0.14 5.65 0.79
CA TRP A 8 -1.37 6.11 0.17
C TRP A 8 -1.36 5.82 -1.33
N LEU A 9 -0.88 4.64 -1.69
CA LEU A 9 -0.81 4.24 -3.09
C LEU A 9 -1.57 2.93 -3.32
N SER A 10 -2.09 2.76 -4.53
CA SER A 10 -2.84 1.55 -4.88
C SER A 10 -1.93 0.34 -4.92
N CYS A 11 -2.32 -0.73 -4.22
CA CYS A 11 -1.54 -1.95 -4.18
C CYS A 11 -2.41 -3.16 -4.50
N VAL A 12 -3.19 -3.06 -5.57
CA VAL A 12 -4.07 -4.15 -5.99
C VAL A 12 -3.32 -5.48 -6.01
N ASP A 13 -2.27 -5.55 -6.82
CA ASP A 13 -1.47 -6.77 -6.92
C ASP A 13 -0.01 -6.48 -6.57
N ARG A 14 0.20 -5.53 -5.68
CA ARG A 14 1.55 -5.17 -5.25
C ARG A 14 1.63 -5.08 -3.73
N LYS A 15 0.90 -5.93 -3.04
CA LYS A 15 0.88 -5.94 -1.58
C LYS A 15 2.29 -6.12 -1.04
N ASN A 16 3.13 -6.85 -1.77
CA ASN A 16 4.51 -7.08 -1.35
C ASN A 16 5.45 -6.05 -1.97
N ASP A 17 4.90 -4.89 -2.31
CA ASP A 17 5.69 -3.82 -2.91
C ASP A 17 5.72 -2.60 -2.00
N CYS A 18 4.75 -2.52 -1.09
CA CYS A 18 4.66 -1.40 -0.15
C CYS A 18 6.03 -1.09 0.45
N CYS A 19 6.38 0.20 0.51
CA CYS A 19 7.65 0.62 1.06
C CYS A 19 7.80 0.16 2.50
N GLU A 20 8.92 0.53 3.12
CA GLU A 20 9.18 0.15 4.51
C GLU A 20 8.35 0.99 5.47
N GLY A 21 7.48 0.32 6.22
CA GLY A 21 6.63 1.01 7.17
C GLY A 21 5.20 1.15 6.69
N LEU A 22 4.87 0.41 5.64
CA LEU A 22 3.52 0.45 5.07
C LEU A 22 2.97 -0.97 4.88
N GLU A 23 1.66 -1.08 4.78
CA GLU A 23 1.00 -2.38 4.60
C GLU A 23 -0.22 -2.24 3.71
N CYS A 24 -0.35 -3.16 2.75
CA CYS A 24 -1.47 -3.14 1.82
C CYS A 24 -2.79 -3.36 2.55
N TRP A 25 -3.49 -2.26 2.83
CA TRP A 25 -4.77 -2.32 3.52
C TRP A 25 -5.93 -2.20 2.56
N LYS A 26 -6.91 -3.09 2.68
CA LYS A 26 -8.07 -3.08 1.81
C LYS A 26 -9.09 -2.04 2.29
N ARG A 27 -9.69 -1.34 1.33
CA ARG A 27 -10.68 -0.32 1.65
C ARG A 27 -12.09 -0.79 1.29
N ARG A 28 -13.09 -0.03 1.73
CA ARG A 28 -14.48 -0.39 1.47
C ARG A 28 -15.02 0.42 0.30
N GLY A 29 -15.04 1.75 0.45
CA GLY A 29 -15.54 2.60 -0.62
C GLY A 29 -14.59 2.68 -1.80
N ASN A 30 -13.31 2.83 -1.50
CA ASN A 30 -12.29 2.92 -2.55
C ASN A 30 -12.30 1.67 -3.42
N LYS A 31 -12.57 0.53 -2.80
CA LYS A 31 -12.61 -0.74 -3.52
C LYS A 31 -11.26 -1.05 -4.16
N SER A 32 -10.18 -0.64 -3.48
CA SER A 32 -8.83 -0.87 -3.98
C SER A 32 -7.81 -0.79 -2.85
N SER A 33 -7.21 -1.93 -2.52
CA SER A 33 -6.21 -1.99 -1.46
C SER A 33 -5.14 -0.94 -1.66
N VAL A 34 -4.72 -0.30 -0.56
CA VAL A 34 -3.69 0.73 -0.61
C VAL A 34 -2.72 0.59 0.55
N CYS A 35 -1.47 0.97 0.31
CA CYS A 35 -0.44 0.88 1.33
C CYS A 35 -0.66 1.93 2.42
N VAL A 36 -0.94 1.46 3.63
CA VAL A 36 -1.18 2.35 4.76
C VAL A 36 -0.05 2.27 5.78
N PRO A 37 0.13 3.36 6.54
CA PRO A 37 1.19 3.44 7.56
C PRO A 37 0.90 2.53 8.75
N ILE A 38 1.87 1.68 9.10
CA ILE A 38 1.72 0.76 10.22
C ILE A 38 2.44 1.29 11.46
N THR A 39 2.24 0.61 12.58
CA THR A 39 2.87 1.01 13.83
C THR A 39 4.03 0.08 14.19
N GLY A 1 19.42 3.15 -5.36
CA GLY A 1 18.29 2.56 -6.05
C GLY A 1 17.08 2.41 -5.14
N ASN A 2 15.98 3.06 -5.52
CA ASN A 2 14.75 2.99 -4.74
C ASN A 2 13.55 2.74 -5.64
N GLU A 3 12.73 1.76 -5.25
CA GLU A 3 11.55 1.41 -6.03
C GLU A 3 10.51 0.70 -5.16
N CYS A 4 9.54 1.44 -4.67
CA CYS A 4 8.50 0.88 -3.82
C CYS A 4 7.30 1.83 -3.72
N ILE A 5 6.11 1.26 -3.55
CA ILE A 5 4.89 2.05 -3.45
C ILE A 5 4.89 2.89 -2.17
N ARG A 6 4.74 4.20 -2.33
CA ARG A 6 4.72 5.11 -1.19
C ARG A 6 3.47 4.90 -0.36
N LYS A 7 3.22 5.82 0.58
CA LYS A 7 2.06 5.73 1.44
C LYS A 7 0.82 6.31 0.75
N TRP A 8 -0.34 5.75 1.08
CA TRP A 8 -1.59 6.22 0.49
C TRP A 8 -1.60 5.99 -1.01
N LEU A 9 -1.10 4.84 -1.44
CA LEU A 9 -1.06 4.50 -2.86
C LEU A 9 -1.73 3.15 -3.11
N SER A 10 -2.30 2.99 -4.31
CA SER A 10 -2.97 1.76 -4.68
C SER A 10 -1.97 0.62 -4.83
N CYS A 11 -2.26 -0.51 -4.20
CA CYS A 11 -1.39 -1.67 -4.26
C CYS A 11 -2.14 -2.89 -4.80
N VAL A 12 -2.96 -2.66 -5.83
CA VAL A 12 -3.74 -3.74 -6.43
C VAL A 12 -2.84 -4.92 -6.82
N ASP A 13 -2.86 -5.96 -6.00
CA ASP A 13 -2.05 -7.16 -6.26
C ASP A 13 -0.57 -6.84 -6.14
N ARG A 14 -0.24 -5.85 -5.31
CA ARG A 14 1.15 -5.44 -5.11
C ARG A 14 1.46 -5.29 -3.62
N LYS A 15 0.85 -6.14 -2.81
CA LYS A 15 1.07 -6.11 -1.36
C LYS A 15 2.56 -6.17 -1.04
N ASN A 16 3.32 -6.84 -1.89
CA ASN A 16 4.76 -6.98 -1.69
C ASN A 16 5.52 -5.85 -2.38
N ASP A 17 4.84 -4.73 -2.60
CA ASP A 17 5.45 -3.58 -3.26
C ASP A 17 5.49 -2.38 -2.31
N CYS A 18 4.57 -2.35 -1.35
CA CYS A 18 4.52 -1.25 -0.39
C CYS A 18 5.90 -0.96 0.18
N CYS A 19 6.22 0.32 0.34
CA CYS A 19 7.50 0.73 0.87
C CYS A 19 7.70 0.20 2.28
N GLU A 20 8.83 0.55 2.89
CA GLU A 20 9.14 0.09 4.24
C GLU A 20 8.35 0.88 5.28
N GLY A 21 7.51 0.18 6.03
CA GLY A 21 6.70 0.82 7.05
C GLY A 21 5.25 0.98 6.64
N LEU A 22 4.87 0.29 5.55
CA LEU A 22 3.51 0.36 5.05
C LEU A 22 2.95 -1.04 4.80
N GLU A 23 1.63 -1.14 4.71
CA GLU A 23 0.98 -2.42 4.47
C GLU A 23 -0.27 -2.25 3.61
N CYS A 24 -0.42 -3.11 2.61
CA CYS A 24 -1.57 -3.06 1.71
C CYS A 24 -2.87 -3.31 2.47
N TRP A 25 -3.56 -2.22 2.81
CA TRP A 25 -4.83 -2.32 3.54
C TRP A 25 -6.01 -2.16 2.60
N LYS A 26 -6.86 -3.17 2.55
CA LYS A 26 -8.04 -3.15 1.69
C LYS A 26 -9.08 -2.17 2.23
N ARG A 27 -9.69 -1.41 1.32
CA ARG A 27 -10.71 -0.43 1.70
C ARG A 27 -12.10 -0.93 1.34
N ARG A 28 -13.12 -0.23 1.83
CA ARG A 28 -14.50 -0.61 1.56
C ARG A 28 -15.06 0.19 0.38
N GLY A 29 -15.19 1.50 0.56
CA GLY A 29 -15.71 2.35 -0.50
C GLY A 29 -14.71 2.55 -1.63
N ASN A 30 -13.46 2.80 -1.27
CA ASN A 30 -12.42 3.00 -2.26
C ASN A 30 -12.38 1.86 -3.27
N LYS A 31 -12.68 0.66 -2.80
CA LYS A 31 -12.69 -0.52 -3.66
C LYS A 31 -11.32 -0.74 -4.30
N SER A 32 -10.27 -0.43 -3.55
CA SER A 32 -8.91 -0.60 -4.04
C SER A 32 -7.91 -0.55 -2.89
N SER A 33 -7.32 -1.70 -2.57
CA SER A 33 -6.34 -1.79 -1.50
C SER A 33 -5.25 -0.73 -1.66
N VAL A 34 -4.84 -0.13 -0.55
CA VAL A 34 -3.81 0.90 -0.57
C VAL A 34 -2.82 0.71 0.57
N CYS A 35 -1.58 1.09 0.35
CA CYS A 35 -0.53 0.97 1.36
C CYS A 35 -0.75 1.96 2.50
N VAL A 36 -0.98 1.44 3.70
CA VAL A 36 -1.21 2.28 4.87
C VAL A 36 -0.05 2.16 5.86
N PRO A 37 0.15 3.22 6.66
CA PRO A 37 1.23 3.26 7.66
C PRO A 37 0.95 2.31 8.82
N ILE A 38 1.93 1.46 9.13
CA ILE A 38 1.80 0.50 10.22
C ILE A 38 2.55 0.98 11.46
N THR A 39 2.14 0.47 12.62
CA THR A 39 2.78 0.85 13.87
C THR A 39 2.45 -0.16 14.98
N GLY A 1 14.00 5.77 -1.06
CA GLY A 1 14.03 4.39 -1.53
C GLY A 1 14.43 4.29 -2.99
N ASN A 2 14.58 3.06 -3.48
CA ASN A 2 14.95 2.83 -4.88
C ASN A 2 13.72 2.61 -5.74
N GLU A 3 12.85 1.71 -5.31
CA GLU A 3 11.63 1.41 -6.05
C GLU A 3 10.60 0.72 -5.14
N CYS A 4 9.58 1.46 -4.76
CA CYS A 4 8.52 0.92 -3.89
C CYS A 4 7.31 1.85 -3.87
N ILE A 5 6.15 1.28 -3.61
CA ILE A 5 4.91 2.05 -3.55
C ILE A 5 4.87 2.94 -2.31
N ARG A 6 4.68 4.23 -2.52
CA ARG A 6 4.63 5.19 -1.42
C ARG A 6 3.38 4.96 -0.57
N LYS A 7 3.10 5.90 0.34
CA LYS A 7 1.95 5.80 1.22
C LYS A 7 0.69 6.33 0.52
N TRP A 8 -0.45 5.75 0.86
CA TRP A 8 -1.72 6.16 0.27
C TRP A 8 -1.74 5.89 -1.23
N LEU A 9 -1.22 4.73 -1.62
CA LEU A 9 -1.19 4.34 -3.03
C LEU A 9 -1.86 3.00 -3.24
N SER A 10 -2.41 2.80 -4.44
CA SER A 10 -3.09 1.55 -4.77
C SER A 10 -2.10 0.40 -4.86
N CYS A 11 -2.42 -0.70 -4.19
CA CYS A 11 -1.56 -1.87 -4.19
C CYS A 11 -2.36 -3.14 -4.49
N VAL A 12 -3.18 -3.08 -5.52
CA VAL A 12 -3.99 -4.22 -5.93
C VAL A 12 -3.16 -5.49 -6.00
N ASP A 13 -2.28 -5.55 -7.00
CA ASP A 13 -1.42 -6.71 -7.18
C ASP A 13 0.03 -6.38 -6.84
N ARG A 14 0.21 -5.45 -5.91
CA ARG A 14 1.55 -5.03 -5.50
C ARG A 14 1.63 -4.96 -3.97
N LYS A 15 0.95 -5.88 -3.30
CA LYS A 15 0.96 -5.93 -1.85
C LYS A 15 2.39 -6.00 -1.31
N ASN A 16 3.26 -6.66 -2.06
CA ASN A 16 4.66 -6.80 -1.66
C ASN A 16 5.52 -5.70 -2.29
N ASP A 17 4.90 -4.58 -2.61
CA ASP A 17 5.60 -3.45 -3.21
C ASP A 17 5.62 -2.26 -2.26
N CYS A 18 4.69 -2.25 -1.32
CA CYS A 18 4.59 -1.16 -0.35
C CYS A 18 5.97 -0.81 0.21
N CYS A 19 6.27 0.49 0.26
CA CYS A 19 7.56 0.95 0.78
C CYS A 19 7.79 0.48 2.20
N GLU A 20 8.91 0.86 2.78
CA GLU A 20 9.25 0.47 4.14
C GLU A 20 8.43 1.27 5.16
N GLY A 21 7.61 0.57 5.94
CA GLY A 21 6.80 1.23 6.94
C GLY A 21 5.34 1.33 6.52
N LEU A 22 4.98 0.59 5.47
CA LEU A 22 3.61 0.59 4.96
C LEU A 22 3.09 -0.83 4.77
N GLU A 23 1.78 -0.98 4.71
CA GLU A 23 1.17 -2.29 4.51
C GLU A 23 -0.09 -2.18 3.66
N CYS A 24 -0.22 -3.08 2.69
CA CYS A 24 -1.39 -3.09 1.80
C CYS A 24 -2.66 -3.36 2.59
N TRP A 25 -3.39 -2.29 2.91
CA TRP A 25 -4.64 -2.41 3.65
C TRP A 25 -5.84 -2.33 2.72
N LYS A 26 -6.70 -3.34 2.76
CA LYS A 26 -7.89 -3.38 1.92
C LYS A 26 -8.94 -2.40 2.43
N ARG A 27 -9.57 -1.69 1.50
CA ARG A 27 -10.60 -0.72 1.85
C ARG A 27 -11.99 -1.24 1.50
N ARG A 28 -13.02 -0.54 1.95
CA ARG A 28 -14.40 -0.94 1.69
C ARG A 28 -15.02 -0.05 0.62
N GLY A 29 -15.06 1.26 0.88
CA GLY A 29 -15.63 2.20 -0.06
C GLY A 29 -14.75 2.40 -1.28
N ASN A 30 -13.44 2.41 -1.06
CA ASN A 30 -12.49 2.60 -2.16
C ASN A 30 -12.49 1.38 -3.09
N LYS A 31 -12.70 0.20 -2.51
CA LYS A 31 -12.71 -1.04 -3.29
C LYS A 31 -11.36 -1.27 -3.96
N SER A 32 -10.30 -0.86 -3.29
CA SER A 32 -8.95 -1.03 -3.83
C SER A 32 -7.91 -0.94 -2.72
N SER A 33 -7.26 -2.06 -2.42
CA SER A 33 -6.24 -2.11 -1.38
C SER A 33 -5.20 -1.01 -1.59
N VAL A 34 -4.80 -0.37 -0.50
CA VAL A 34 -3.81 0.70 -0.56
C VAL A 34 -2.80 0.58 0.58
N CYS A 35 -1.57 1.00 0.32
CA CYS A 35 -0.50 0.94 1.31
C CYS A 35 -0.74 1.96 2.41
N VAL A 36 -0.93 1.48 3.64
CA VAL A 36 -1.17 2.35 4.78
C VAL A 36 0.00 2.30 5.75
N PRO A 37 0.18 3.39 6.53
CA PRO A 37 1.26 3.49 7.51
C PRO A 37 1.04 2.57 8.71
N ILE A 38 2.05 1.76 9.02
CA ILE A 38 1.97 0.84 10.14
C ILE A 38 2.71 1.38 11.35
N THR A 39 2.43 0.79 12.51
CA THR A 39 3.08 1.22 13.76
C THR A 39 2.89 0.18 14.86
N GLY A 1 18.02 4.32 -5.54
CA GLY A 1 17.00 5.35 -5.53
C GLY A 1 15.75 4.94 -4.77
N ASN A 2 14.64 4.88 -5.48
CA ASN A 2 13.37 4.50 -4.87
C ASN A 2 12.56 3.61 -5.80
N GLU A 3 12.32 2.37 -5.36
CA GLU A 3 11.57 1.41 -6.16
C GLU A 3 10.54 0.67 -5.30
N CYS A 4 9.54 1.40 -4.82
CA CYS A 4 8.51 0.82 -3.97
C CYS A 4 7.30 1.75 -3.88
N ILE A 5 6.13 1.16 -3.68
CA ILE A 5 4.90 1.93 -3.57
C ILE A 5 4.89 2.79 -2.31
N ARG A 6 4.76 4.10 -2.49
CA ARG A 6 4.75 5.02 -1.36
C ARG A 6 3.49 4.83 -0.51
N LYS A 7 3.25 5.75 0.40
CA LYS A 7 2.09 5.68 1.28
C LYS A 7 0.85 6.24 0.59
N TRP A 8 -0.30 5.70 0.93
CA TRP A 8 -1.56 6.15 0.33
C TRP A 8 -1.59 5.88 -1.16
N LEU A 9 -1.08 4.72 -1.57
CA LEU A 9 -1.05 4.35 -2.97
C LEU A 9 -1.72 3.00 -3.21
N SER A 10 -2.30 2.83 -4.38
CA SER A 10 -2.98 1.58 -4.72
C SER A 10 -1.98 0.44 -4.86
N CYS A 11 -2.26 -0.67 -4.19
CA CYS A 11 -1.39 -1.83 -4.23
C CYS A 11 -2.14 -3.06 -4.73
N VAL A 12 -2.98 -2.87 -5.75
CA VAL A 12 -3.75 -3.95 -6.33
C VAL A 12 -2.87 -5.12 -6.71
N ASP A 13 -2.87 -6.15 -5.89
CA ASP A 13 -2.06 -7.35 -6.15
C ASP A 13 -0.56 -7.02 -6.05
N ARG A 14 -0.24 -6.01 -5.24
CA ARG A 14 1.15 -5.60 -5.06
C ARG A 14 1.48 -5.42 -3.59
N LYS A 15 0.89 -6.26 -2.75
CA LYS A 15 1.12 -6.20 -1.31
C LYS A 15 2.61 -6.26 -1.00
N ASN A 16 3.37 -6.94 -1.85
CA ASN A 16 4.80 -7.08 -1.66
C ASN A 16 5.56 -5.96 -2.38
N ASP A 17 4.87 -4.84 -2.61
CA ASP A 17 5.47 -3.69 -3.28
C ASP A 17 5.52 -2.48 -2.35
N CYS A 18 4.61 -2.43 -1.39
CA CYS A 18 4.55 -1.34 -0.45
C CYS A 18 5.94 -1.02 0.12
N CYS A 19 6.24 0.27 0.24
CA CYS A 19 7.53 0.70 0.76
C CYS A 19 7.75 0.18 2.18
N GLU A 20 8.88 0.56 2.77
CA GLU A 20 9.21 0.13 4.12
C GLU A 20 8.42 0.93 5.15
N GLY A 21 7.58 0.24 5.93
CA GLY A 21 6.79 0.91 6.95
C GLY A 21 5.33 1.04 6.54
N LEU A 22 4.95 0.33 5.48
CA LEU A 22 3.57 0.39 4.99
C LEU A 22 3.03 -1.02 4.77
N GLU A 23 1.70 -1.13 4.69
CA GLU A 23 1.05 -2.41 4.48
C GLU A 23 -0.20 -2.27 3.61
N CYS A 24 -0.35 -3.15 2.64
CA CYS A 24 -1.50 -3.12 1.74
C CYS A 24 -2.79 -3.35 2.51
N TRP A 25 -3.49 -2.26 2.83
CA TRP A 25 -4.74 -2.34 3.57
C TRP A 25 -5.94 -2.22 2.62
N LYS A 26 -6.77 -3.25 2.59
CA LYS A 26 -7.95 -3.27 1.73
C LYS A 26 -8.99 -2.26 2.22
N ARG A 27 -9.53 -1.48 1.31
CA ARG A 27 -10.53 -0.48 1.64
C ARG A 27 -11.92 -0.92 1.17
N ARG A 28 -12.96 -0.42 1.85
CA ARG A 28 -14.32 -0.77 1.50
C ARG A 28 -14.93 0.28 0.57
N GLY A 29 -14.85 1.55 0.98
CA GLY A 29 -15.40 2.61 0.18
C GLY A 29 -14.59 2.88 -1.07
N ASN A 30 -13.26 2.76 -0.95
CA ASN A 30 -12.37 2.99 -2.08
C ASN A 30 -12.42 1.82 -3.05
N LYS A 31 -12.63 0.62 -2.52
CA LYS A 31 -12.70 -0.59 -3.34
C LYS A 31 -11.37 -0.85 -4.03
N SER A 32 -10.28 -0.51 -3.36
CA SER A 32 -8.94 -0.71 -3.91
C SER A 32 -7.89 -0.68 -2.80
N SER A 33 -7.29 -1.83 -2.53
CA SER A 33 -6.27 -1.94 -1.49
C SER A 33 -5.19 -0.86 -1.68
N VAL A 34 -4.76 -0.27 -0.58
CA VAL A 34 -3.75 0.78 -0.62
C VAL A 34 -2.75 0.61 0.53
N CYS A 35 -1.50 1.00 0.29
CA CYS A 35 -0.46 0.90 1.30
C CYS A 35 -0.69 1.92 2.42
N VAL A 36 -0.91 1.42 3.63
CA VAL A 36 -1.13 2.29 4.79
C VAL A 36 0.02 2.20 5.78
N PRO A 37 0.23 3.27 6.54
CA PRO A 37 1.29 3.34 7.55
C PRO A 37 1.04 2.41 8.73
N ILE A 38 2.01 1.57 9.05
CA ILE A 38 1.89 0.64 10.16
C ILE A 38 2.64 1.14 11.39
N THR A 39 2.46 0.45 12.51
CA THR A 39 3.13 0.83 13.76
C THR A 39 4.16 -0.22 14.16
N GLY A 1 16.82 2.39 -1.62
CA GLY A 1 16.53 2.70 -3.01
C GLY A 1 15.11 3.16 -3.22
N ASN A 2 14.88 3.91 -4.30
CA ASN A 2 13.56 4.43 -4.61
C ASN A 2 12.83 3.50 -5.58
N GLU A 3 12.56 2.28 -5.13
CA GLU A 3 11.87 1.30 -5.96
C GLU A 3 10.79 0.57 -5.15
N CYS A 4 9.77 1.30 -4.74
CA CYS A 4 8.67 0.73 -3.96
C CYS A 4 7.47 1.66 -3.93
N ILE A 5 6.30 1.10 -3.66
CA ILE A 5 5.07 1.89 -3.60
C ILE A 5 5.04 2.77 -2.35
N ARG A 6 4.88 4.07 -2.55
CA ARG A 6 4.83 5.01 -1.44
C ARG A 6 3.58 4.81 -0.60
N LYS A 7 3.31 5.74 0.30
CA LYS A 7 2.15 5.66 1.17
C LYS A 7 0.91 6.22 0.48
N TRP A 8 -0.25 5.68 0.82
CA TRP A 8 -1.51 6.13 0.23
C TRP A 8 -1.55 5.84 -1.26
N LEU A 9 -1.04 4.69 -1.66
CA LEU A 9 -1.01 4.29 -3.06
C LEU A 9 -1.76 2.97 -3.28
N SER A 10 -2.30 2.80 -4.48
CA SER A 10 -3.05 1.60 -4.81
C SER A 10 -2.11 0.39 -4.89
N CYS A 11 -2.48 -0.69 -4.22
CA CYS A 11 -1.69 -1.90 -4.21
C CYS A 11 -2.56 -3.14 -4.47
N VAL A 12 -3.45 -3.02 -5.45
CA VAL A 12 -4.34 -4.12 -5.80
C VAL A 12 -3.57 -5.42 -5.96
N ASP A 13 -2.55 -5.40 -6.83
CA ASP A 13 -1.73 -6.58 -7.06
C ASP A 13 -0.27 -6.30 -6.74
N ARG A 14 -0.03 -5.37 -5.82
CA ARG A 14 1.32 -5.01 -5.43
C ARG A 14 1.44 -4.93 -3.91
N LYS A 15 0.72 -5.80 -3.22
CA LYS A 15 0.75 -5.83 -1.76
C LYS A 15 2.17 -6.02 -1.24
N ASN A 16 2.98 -6.73 -2.01
CA ASN A 16 4.38 -6.98 -1.63
C ASN A 16 5.31 -5.95 -2.27
N ASP A 17 4.75 -4.78 -2.59
CA ASP A 17 5.52 -3.72 -3.20
C ASP A 17 5.59 -2.49 -2.28
N CYS A 18 4.66 -2.42 -1.35
CA CYS A 18 4.60 -1.31 -0.41
C CYS A 18 6.00 -1.01 0.16
N CYS A 19 6.33 0.28 0.25
CA CYS A 19 7.62 0.70 0.77
C CYS A 19 7.80 0.23 2.21
N GLU A 20 8.94 0.59 2.80
CA GLU A 20 9.23 0.20 4.17
C GLU A 20 8.43 1.03 5.16
N GLY A 21 7.59 0.36 5.95
CA GLY A 21 6.77 1.05 6.92
C GLY A 21 5.32 1.18 6.48
N LEU A 22 4.96 0.44 5.45
CA LEU A 22 3.60 0.46 4.93
C LEU A 22 3.05 -0.94 4.74
N GLU A 23 1.74 -1.07 4.68
CA GLU A 23 1.09 -2.37 4.51
C GLU A 23 -0.16 -2.24 3.64
N CYS A 24 -0.30 -3.16 2.69
CA CYS A 24 -1.44 -3.15 1.78
C CYS A 24 -2.74 -3.37 2.55
N TRP A 25 -3.46 -2.29 2.85
CA TRP A 25 -4.71 -2.38 3.58
C TRP A 25 -5.90 -2.25 2.63
N LYS A 26 -6.87 -3.15 2.78
CA LYS A 26 -8.07 -3.13 1.95
C LYS A 26 -9.08 -2.12 2.47
N ARG A 27 -9.74 -1.43 1.54
CA ARG A 27 -10.75 -0.44 1.91
C ARG A 27 -12.15 -0.96 1.63
N ARG A 28 -13.15 -0.23 2.11
CA ARG A 28 -14.55 -0.61 1.91
C ARG A 28 -15.17 0.19 0.77
N GLY A 29 -15.35 1.49 1.00
CA GLY A 29 -15.94 2.34 -0.02
C GLY A 29 -15.09 2.42 -1.27
N ASN A 30 -13.78 2.42 -1.09
CA ASN A 30 -12.85 2.51 -2.21
C ASN A 30 -12.90 1.24 -3.05
N LYS A 31 -13.19 0.11 -2.40
CA LYS A 31 -13.27 -1.18 -3.08
C LYS A 31 -11.91 -1.57 -3.65
N SER A 32 -10.85 -1.23 -2.93
CA SER A 32 -9.49 -1.55 -3.37
C SER A 32 -8.53 -1.55 -2.18
N SER A 33 -7.29 -1.97 -2.43
CA SER A 33 -6.28 -2.02 -1.39
C SER A 33 -5.22 -0.93 -1.60
N VAL A 34 -4.78 -0.33 -0.51
CA VAL A 34 -3.77 0.72 -0.57
C VAL A 34 -2.76 0.60 0.56
N CYS A 35 -1.52 0.99 0.29
CA CYS A 35 -0.46 0.92 1.29
C CYS A 35 -0.67 1.94 2.39
N VAL A 36 -0.92 1.46 3.61
CA VAL A 36 -1.15 2.33 4.75
C VAL A 36 0.01 2.25 5.74
N PRO A 37 0.20 3.34 6.50
CA PRO A 37 1.28 3.42 7.50
C PRO A 37 1.04 2.49 8.69
N ILE A 38 2.03 1.67 9.00
CA ILE A 38 1.92 0.73 10.12
C ILE A 38 2.66 1.25 11.34
N THR A 39 2.58 0.50 12.44
CA THR A 39 3.24 0.88 13.68
C THR A 39 4.15 -0.22 14.18
N GLY A 1 17.95 6.53 -4.03
CA GLY A 1 17.20 5.61 -4.86
C GLY A 1 15.93 5.14 -4.18
N ASN A 2 14.91 4.85 -4.98
CA ASN A 2 13.63 4.39 -4.45
C ASN A 2 12.88 3.56 -5.48
N GLU A 3 12.57 2.31 -5.12
CA GLU A 3 11.85 1.41 -6.02
C GLU A 3 10.79 0.63 -5.26
N CYS A 4 9.77 1.33 -4.78
CA CYS A 4 8.69 0.70 -4.03
C CYS A 4 7.47 1.61 -3.97
N ILE A 5 6.30 1.02 -3.70
CA ILE A 5 5.07 1.77 -3.61
C ILE A 5 5.04 2.65 -2.36
N ARG A 6 4.90 3.96 -2.56
CA ARG A 6 4.86 4.91 -1.46
C ARG A 6 3.60 4.71 -0.62
N LYS A 7 3.34 5.67 0.27
CA LYS A 7 2.17 5.60 1.13
C LYS A 7 0.93 6.16 0.43
N TRP A 8 -0.23 5.61 0.76
CA TRP A 8 -1.48 6.06 0.16
C TRP A 8 -1.50 5.77 -1.33
N LEU A 9 -1.02 4.58 -1.71
CA LEU A 9 -0.99 4.17 -3.11
C LEU A 9 -1.73 2.86 -3.31
N SER A 10 -2.28 2.68 -4.51
CA SER A 10 -3.03 1.47 -4.83
C SER A 10 -2.10 0.26 -4.88
N CYS A 11 -2.49 -0.80 -4.18
CA CYS A 11 -1.70 -2.02 -4.14
C CYS A 11 -2.58 -3.25 -4.38
N VAL A 12 -3.48 -3.14 -5.34
CA VAL A 12 -4.38 -4.23 -5.68
C VAL A 12 -3.62 -5.54 -5.83
N ASP A 13 -2.60 -5.53 -6.69
CA ASP A 13 -1.79 -6.72 -6.94
C ASP A 13 -0.32 -6.44 -6.62
N ARG A 14 -0.08 -5.50 -5.72
CA ARG A 14 1.28 -5.14 -5.33
C ARG A 14 1.41 -5.05 -3.81
N LYS A 15 0.68 -5.91 -3.10
CA LYS A 15 0.71 -5.93 -1.65
C LYS A 15 2.14 -6.11 -1.14
N ASN A 16 2.94 -6.84 -1.89
CA ASN A 16 4.33 -7.10 -1.51
C ASN A 16 5.27 -6.09 -2.16
N ASP A 17 4.72 -4.92 -2.50
CA ASP A 17 5.51 -3.86 -3.13
C ASP A 17 5.57 -2.63 -2.23
N CYS A 18 4.64 -2.54 -1.28
CA CYS A 18 4.59 -1.42 -0.36
C CYS A 18 5.98 -1.11 0.19
N CYS A 19 6.31 0.18 0.26
CA CYS A 19 7.61 0.60 0.77
C CYS A 19 7.81 0.14 2.22
N GLU A 20 8.94 0.51 2.80
CA GLU A 20 9.25 0.13 4.18
C GLU A 20 8.45 0.98 5.16
N GLY A 21 7.60 0.32 5.95
CA GLY A 21 6.79 1.02 6.93
C GLY A 21 5.34 1.15 6.50
N LEU A 22 4.97 0.40 5.46
CA LEU A 22 3.61 0.43 4.95
C LEU A 22 3.05 -0.98 4.79
N GLU A 23 1.74 -1.10 4.73
CA GLU A 23 1.08 -2.39 4.57
C GLU A 23 -0.17 -2.27 3.70
N CYS A 24 -0.31 -3.18 2.75
CA CYS A 24 -1.47 -3.18 1.86
C CYS A 24 -2.77 -3.39 2.64
N TRP A 25 -3.46 -2.29 2.92
CA TRP A 25 -4.72 -2.36 3.67
C TRP A 25 -5.91 -2.23 2.73
N LYS A 26 -6.89 -3.11 2.90
CA LYS A 26 -8.10 -3.09 2.06
C LYS A 26 -9.09 -2.04 2.56
N ARG A 27 -9.61 -1.24 1.64
CA ARG A 27 -10.57 -0.21 1.99
C ARG A 27 -11.99 -0.60 1.54
N ARG A 28 -12.99 0.01 2.18
CA ARG A 28 -14.38 -0.28 1.86
C ARG A 28 -14.89 0.67 0.78
N GLY A 29 -14.99 1.95 1.13
CA GLY A 29 -15.47 2.94 0.18
C GLY A 29 -14.65 2.97 -1.09
N ASN A 30 -13.34 2.84 -0.95
CA ASN A 30 -12.43 2.86 -2.10
C ASN A 30 -12.61 1.59 -2.95
N LYS A 31 -13.02 0.50 -2.30
CA LYS A 31 -13.22 -0.76 -2.99
C LYS A 31 -11.92 -1.30 -3.55
N SER A 32 -10.82 -1.05 -2.83
CA SER A 32 -9.50 -1.50 -3.26
C SER A 32 -8.53 -1.51 -2.10
N SER A 33 -7.32 -2.01 -2.35
CA SER A 33 -6.28 -2.08 -1.31
C SER A 33 -5.22 -1.00 -1.54
N VAL A 34 -4.78 -0.38 -0.46
CA VAL A 34 -3.77 0.67 -0.54
C VAL A 34 -2.76 0.54 0.59
N CYS A 35 -1.52 0.92 0.33
CA CYS A 35 -0.46 0.85 1.32
C CYS A 35 -0.67 1.89 2.42
N VAL A 36 -0.90 1.42 3.64
CA VAL A 36 -1.12 2.32 4.77
C VAL A 36 0.05 2.25 5.75
N PRO A 37 0.25 3.35 6.50
CA PRO A 37 1.32 3.44 7.49
C PRO A 37 1.09 2.54 8.69
N ILE A 38 2.08 1.71 9.01
CA ILE A 38 1.97 0.79 10.15
C ILE A 38 2.73 1.34 11.36
N THR A 39 2.55 0.68 12.50
CA THR A 39 3.22 1.08 13.73
C THR A 39 4.32 0.09 14.10
N GLY A 1 17.46 -1.35 -2.86
CA GLY A 1 17.18 -0.54 -4.03
C GLY A 1 16.21 0.59 -3.75
N ASN A 2 15.94 1.40 -4.76
CA ASN A 2 15.03 2.53 -4.60
C ASN A 2 13.84 2.40 -5.55
N GLU A 3 12.90 1.54 -5.18
CA GLU A 3 11.71 1.31 -5.99
C GLU A 3 10.61 0.62 -5.18
N CYS A 4 9.67 1.42 -4.67
CA CYS A 4 8.57 0.90 -3.87
C CYS A 4 7.38 1.84 -3.89
N ILE A 5 6.22 1.32 -3.53
CA ILE A 5 5.00 2.12 -3.51
C ILE A 5 4.95 3.02 -2.27
N ARG A 6 4.76 4.32 -2.50
CA ARG A 6 4.70 5.28 -1.41
C ARG A 6 3.44 5.05 -0.56
N LYS A 7 3.17 6.00 0.34
CA LYS A 7 2.00 5.91 1.20
C LYS A 7 0.77 6.45 0.51
N TRP A 8 -0.40 5.89 0.85
CA TRP A 8 -1.65 6.33 0.26
C TRP A 8 -1.68 6.04 -1.24
N LEU A 9 -1.17 4.88 -1.62
CA LEU A 9 -1.14 4.49 -3.03
C LEU A 9 -1.87 3.17 -3.25
N SER A 10 -2.42 2.99 -4.44
CA SER A 10 -3.15 1.78 -4.78
C SER A 10 -2.20 0.58 -4.83
N CYS A 11 -2.58 -0.49 -4.14
CA CYS A 11 -1.76 -1.70 -4.11
C CYS A 11 -2.61 -2.93 -4.40
N VAL A 12 -3.47 -2.83 -5.40
CA VAL A 12 -4.35 -3.93 -5.79
C VAL A 12 -3.56 -5.24 -5.90
N ASP A 13 -2.56 -5.23 -6.78
CA ASP A 13 -1.74 -6.41 -7.00
C ASP A 13 -0.27 -6.12 -6.68
N ARG A 14 -0.05 -5.18 -5.75
CA ARG A 14 1.30 -4.80 -5.36
C ARG A 14 1.42 -4.73 -3.84
N LYS A 15 0.70 -5.61 -3.15
CA LYS A 15 0.74 -5.64 -1.69
C LYS A 15 2.16 -5.81 -1.18
N ASN A 16 2.98 -6.53 -1.93
CA ASN A 16 4.36 -6.75 -1.55
C ASN A 16 5.28 -5.72 -2.19
N ASP A 17 4.72 -4.56 -2.53
CA ASP A 17 5.49 -3.49 -3.14
C ASP A 17 5.54 -2.26 -2.24
N CYS A 18 4.62 -2.20 -1.28
CA CYS A 18 4.55 -1.07 -0.35
C CYS A 18 5.93 -0.76 0.20
N CYS A 19 6.25 0.53 0.28
CA CYS A 19 7.55 0.96 0.80
C CYS A 19 7.73 0.51 2.25
N GLU A 20 8.87 0.89 2.83
CA GLU A 20 9.17 0.52 4.21
C GLU A 20 8.36 1.36 5.19
N GLY A 21 7.53 0.69 5.98
CA GLY A 21 6.70 1.38 6.95
C GLY A 21 5.25 1.48 6.52
N LEU A 22 4.89 0.73 5.48
CA LEU A 22 3.53 0.73 4.97
C LEU A 22 3.01 -0.69 4.78
N GLU A 23 1.69 -0.83 4.72
CA GLU A 23 1.07 -2.14 4.56
C GLU A 23 -0.19 -2.03 3.70
N CYS A 24 -0.32 -2.95 2.74
CA CYS A 24 -1.47 -2.97 1.85
C CYS A 24 -2.76 -3.20 2.63
N TRP A 25 -3.48 -2.11 2.92
CA TRP A 25 -4.73 -2.20 3.66
C TRP A 25 -5.92 -2.12 2.72
N LYS A 26 -6.79 -3.13 2.78
CA LYS A 26 -7.97 -3.17 1.93
C LYS A 26 -9.03 -2.19 2.42
N ARG A 27 -9.63 -1.46 1.48
CA ARG A 27 -10.65 -0.48 1.81
C ARG A 27 -12.04 -0.98 1.41
N ARG A 28 -13.04 -0.63 2.21
CA ARG A 28 -14.41 -1.04 1.95
C ARG A 28 -15.09 -0.06 0.99
N GLY A 29 -15.38 1.14 1.48
CA GLY A 29 -16.04 2.14 0.65
C GLY A 29 -15.26 2.45 -0.61
N ASN A 30 -13.94 2.39 -0.51
CA ASN A 30 -13.07 2.67 -1.65
C ASN A 30 -12.96 1.45 -2.57
N LYS A 31 -13.00 0.27 -1.96
CA LYS A 31 -12.92 -0.98 -2.73
C LYS A 31 -11.61 -1.04 -3.51
N SER A 32 -10.52 -0.59 -2.89
CA SER A 32 -9.21 -0.60 -3.53
C SER A 32 -8.10 -0.58 -2.50
N SER A 33 -7.45 -1.72 -2.31
CA SER A 33 -6.36 -1.84 -1.35
C SER A 33 -5.33 -0.74 -1.56
N VAL A 34 -4.84 -0.17 -0.46
CA VAL A 34 -3.84 0.89 -0.53
C VAL A 34 -2.83 0.76 0.62
N CYS A 35 -1.59 1.17 0.35
CA CYS A 35 -0.53 1.11 1.34
C CYS A 35 -0.75 2.13 2.44
N VAL A 36 -1.00 1.66 3.65
CA VAL A 36 -1.23 2.53 4.80
C VAL A 36 -0.06 2.48 5.78
N PRO A 37 0.12 3.56 6.54
CA PRO A 37 1.20 3.66 7.53
C PRO A 37 0.96 2.74 8.72
N ILE A 38 1.97 1.93 9.05
CA ILE A 38 1.88 1.01 10.17
C ILE A 38 2.61 1.54 11.39
N THR A 39 2.25 1.04 12.56
CA THR A 39 2.88 1.47 13.80
C THR A 39 3.62 0.31 14.47
N GLY A 1 16.52 2.07 -3.83
CA GLY A 1 16.74 3.12 -4.80
C GLY A 1 15.45 3.66 -5.38
N ASN A 2 14.57 4.16 -4.52
CA ASN A 2 13.29 4.70 -4.94
C ASN A 2 12.54 3.70 -5.82
N GLU A 3 12.35 2.49 -5.29
CA GLU A 3 11.65 1.45 -6.02
C GLU A 3 10.65 0.73 -5.12
N CYS A 4 9.60 1.45 -4.73
CA CYS A 4 8.57 0.88 -3.86
C CYS A 4 7.36 1.81 -3.78
N ILE A 5 6.18 1.22 -3.60
CA ILE A 5 4.95 1.99 -3.50
C ILE A 5 4.94 2.85 -2.23
N ARG A 6 4.79 4.16 -2.41
CA ARG A 6 4.75 5.08 -1.28
C ARG A 6 3.50 4.86 -0.44
N LYS A 7 3.25 5.79 0.49
CA LYS A 7 2.09 5.69 1.36
C LYS A 7 0.84 6.25 0.67
N TRP A 8 -0.31 5.69 1.00
CA TRP A 8 -1.57 6.13 0.41
C TRP A 8 -1.59 5.89 -1.09
N LEU A 9 -1.07 4.74 -1.51
CA LEU A 9 -1.02 4.38 -2.92
C LEU A 9 -1.67 3.02 -3.16
N SER A 10 -2.25 2.85 -4.35
CA SER A 10 -2.90 1.60 -4.71
C SER A 10 -1.88 0.47 -4.85
N CYS A 11 -2.16 -0.65 -4.20
CA CYS A 11 -1.26 -1.81 -4.26
C CYS A 11 -2.01 -3.03 -4.78
N VAL A 12 -2.81 -2.83 -5.82
CA VAL A 12 -3.58 -3.92 -6.42
C VAL A 12 -2.67 -5.09 -6.80
N ASP A 13 -2.66 -6.12 -5.97
CA ASP A 13 -1.83 -7.30 -6.22
C ASP A 13 -0.36 -6.95 -6.11
N ARG A 14 -0.05 -5.95 -5.28
CA ARG A 14 1.33 -5.53 -5.09
C ARG A 14 1.64 -5.36 -3.60
N LYS A 15 1.06 -6.24 -2.78
CA LYS A 15 1.27 -6.18 -1.34
C LYS A 15 2.76 -6.22 -1.00
N ASN A 16 3.53 -6.89 -1.85
CA ASN A 16 4.97 -7.00 -1.65
C ASN A 16 5.71 -5.88 -2.37
N ASP A 17 5.01 -4.77 -2.58
CA ASP A 17 5.61 -3.61 -3.25
C ASP A 17 5.64 -2.41 -2.32
N CYS A 18 4.72 -2.38 -1.36
CA CYS A 18 4.65 -1.27 -0.41
C CYS A 18 6.02 -0.96 0.16
N CYS A 19 6.31 0.33 0.30
CA CYS A 19 7.60 0.78 0.83
C CYS A 19 7.82 0.25 2.24
N GLU A 20 8.94 0.64 2.84
CA GLU A 20 9.26 0.20 4.19
C GLU A 20 8.46 0.98 5.23
N GLY A 21 7.64 0.28 5.99
CA GLY A 21 6.83 0.92 7.00
C GLY A 21 5.37 1.04 6.59
N LEU A 22 5.00 0.34 5.52
CA LEU A 22 3.63 0.38 5.02
C LEU A 22 3.10 -1.03 4.79
N GLU A 23 1.78 -1.16 4.69
CA GLU A 23 1.15 -2.44 4.46
C GLU A 23 -0.11 -2.29 3.61
N CYS A 24 -0.25 -3.17 2.62
CA CYS A 24 -1.39 -3.14 1.73
C CYS A 24 -2.69 -3.40 2.49
N TRP A 25 -3.40 -2.33 2.83
CA TRP A 25 -4.66 -2.44 3.56
C TRP A 25 -5.85 -2.31 2.62
N LYS A 26 -6.68 -3.34 2.58
CA LYS A 26 -7.87 -3.34 1.73
C LYS A 26 -8.92 -2.37 2.27
N ARG A 27 -9.55 -1.64 1.35
CA ARG A 27 -10.59 -0.67 1.74
C ARG A 27 -11.97 -1.20 1.39
N ARG A 28 -13.00 -0.52 1.88
CA ARG A 28 -14.38 -0.92 1.62
C ARG A 28 -14.97 -0.12 0.47
N GLY A 29 -15.04 1.19 0.64
CA GLY A 29 -15.59 2.05 -0.40
C GLY A 29 -14.62 2.26 -1.56
N ASN A 30 -13.36 2.53 -1.23
CA ASN A 30 -12.34 2.75 -2.24
C ASN A 30 -12.31 1.60 -3.24
N LYS A 31 -12.58 0.40 -2.75
CA LYS A 31 -12.59 -0.79 -3.61
C LYS A 31 -11.22 -1.01 -4.25
N SER A 32 -10.17 -0.68 -3.52
CA SER A 32 -8.81 -0.83 -4.02
C SER A 32 -7.79 -0.76 -2.88
N SER A 33 -7.18 -1.90 -2.57
CA SER A 33 -6.20 -1.97 -1.49
C SER A 33 -5.13 -0.90 -1.67
N VAL A 34 -4.72 -0.29 -0.56
CA VAL A 34 -3.70 0.76 -0.59
C VAL A 34 -2.72 0.59 0.56
N CYS A 35 -1.47 0.99 0.32
CA CYS A 35 -0.43 0.89 1.33
C CYS A 35 -0.66 1.90 2.46
N VAL A 36 -0.88 1.38 3.67
CA VAL A 36 -1.11 2.23 4.82
C VAL A 36 0.05 2.14 5.81
N PRO A 37 0.24 3.21 6.59
CA PRO A 37 1.32 3.28 7.60
C PRO A 37 1.06 2.33 8.78
N ILE A 38 2.05 1.50 9.09
CA ILE A 38 1.93 0.55 10.19
C ILE A 38 2.68 1.06 11.42
N THR A 39 2.51 0.35 12.54
CA THR A 39 3.17 0.72 13.78
C THR A 39 4.13 -0.36 14.24
N GLY A 1 18.18 3.15 -4.21
CA GLY A 1 17.19 3.72 -5.11
C GLY A 1 15.78 3.53 -4.59
N ASN A 2 14.82 4.21 -5.23
CA ASN A 2 13.42 4.11 -4.84
C ASN A 2 12.68 3.08 -5.69
N GLU A 3 12.49 1.89 -5.14
CA GLU A 3 11.80 0.83 -5.85
C GLU A 3 10.72 0.19 -4.97
N CYS A 4 9.70 0.98 -4.64
CA CYS A 4 8.61 0.50 -3.81
C CYS A 4 7.44 1.48 -3.84
N ILE A 5 6.26 1.00 -3.47
CA ILE A 5 5.06 1.83 -3.45
C ILE A 5 5.04 2.73 -2.22
N ARG A 6 4.89 4.03 -2.43
CA ARG A 6 4.85 4.99 -1.34
C ARG A 6 3.59 4.79 -0.50
N LYS A 7 3.32 5.76 0.38
CA LYS A 7 2.16 5.69 1.26
C LYS A 7 0.92 6.26 0.55
N TRP A 8 -0.24 5.72 0.88
CA TRP A 8 -1.49 6.17 0.29
C TRP A 8 -1.51 5.89 -1.21
N LEU A 9 -1.05 4.70 -1.60
CA LEU A 9 -1.01 4.31 -3.00
C LEU A 9 -1.74 2.98 -3.21
N SER A 10 -2.29 2.80 -4.40
CA SER A 10 -3.01 1.57 -4.73
C SER A 10 -2.06 0.40 -4.82
N CYS A 11 -2.40 -0.70 -4.15
CA CYS A 11 -1.58 -1.90 -4.15
C CYS A 11 -2.43 -3.13 -4.43
N VAL A 12 -3.27 -3.06 -5.46
CA VAL A 12 -4.13 -4.17 -5.83
C VAL A 12 -3.33 -5.47 -5.91
N ASP A 13 -2.33 -5.49 -6.79
CA ASP A 13 -1.50 -6.67 -6.96
C ASP A 13 -0.05 -6.37 -6.57
N ARG A 14 0.13 -5.46 -5.62
CA ARG A 14 1.46 -5.09 -5.16
C ARG A 14 1.52 -5.07 -3.63
N LYS A 15 0.80 -5.99 -3.01
CA LYS A 15 0.77 -6.08 -1.55
C LYS A 15 2.18 -6.18 -0.98
N ASN A 16 3.03 -6.94 -1.67
CA ASN A 16 4.41 -7.11 -1.23
C ASN A 16 5.33 -6.10 -1.91
N ASP A 17 4.76 -4.98 -2.32
CA ASP A 17 5.53 -3.93 -2.97
C ASP A 17 5.61 -2.68 -2.11
N CYS A 18 4.65 -2.55 -1.18
CA CYS A 18 4.61 -1.40 -0.29
C CYS A 18 5.99 -1.09 0.27
N CYS A 19 6.32 0.19 0.33
CA CYS A 19 7.62 0.63 0.84
C CYS A 19 7.82 0.18 2.29
N GLU A 20 8.94 0.56 2.87
CA GLU A 20 9.25 0.19 4.25
C GLU A 20 8.46 1.04 5.24
N GLY A 21 7.62 0.39 6.03
CA GLY A 21 6.80 1.10 7.01
C GLY A 21 5.36 1.22 6.57
N LEU A 22 4.99 0.47 5.54
CA LEU A 22 3.62 0.51 5.03
C LEU A 22 3.07 -0.91 4.85
N GLU A 23 1.74 -1.02 4.80
CA GLU A 23 1.10 -2.32 4.63
C GLU A 23 -0.13 -2.20 3.75
N CYS A 24 -0.25 -3.10 2.78
CA CYS A 24 -1.39 -3.09 1.86
C CYS A 24 -2.69 -3.32 2.62
N TRP A 25 -3.40 -2.22 2.89
CA TRP A 25 -4.68 -2.30 3.62
C TRP A 25 -5.85 -2.19 2.64
N LYS A 26 -6.76 -3.15 2.72
CA LYS A 26 -7.94 -3.15 1.85
C LYS A 26 -8.97 -2.14 2.33
N ARG A 27 -9.54 -1.40 1.39
CA ARG A 27 -10.55 -0.39 1.70
C ARG A 27 -11.95 -0.91 1.39
N ARG A 28 -12.96 -0.16 1.84
CA ARG A 28 -14.34 -0.54 1.61
C ARG A 28 -14.96 0.29 0.49
N GLY A 29 -15.23 1.56 0.79
CA GLY A 29 -15.82 2.45 -0.20
C GLY A 29 -14.90 2.68 -1.38
N ASN A 30 -13.59 2.71 -1.12
CA ASN A 30 -12.61 2.94 -2.17
C ASN A 30 -12.59 1.78 -3.16
N LYS A 31 -12.82 0.58 -2.64
CA LYS A 31 -12.84 -0.63 -3.48
C LYS A 31 -11.47 -0.86 -4.10
N SER A 32 -10.42 -0.54 -3.36
CA SER A 32 -9.05 -0.70 -3.85
C SER A 32 -8.05 -0.60 -2.71
N SER A 33 -7.42 -1.74 -2.37
CA SER A 33 -6.45 -1.78 -1.29
C SER A 33 -5.34 -0.77 -1.53
N VAL A 34 -4.85 -0.16 -0.44
CA VAL A 34 -3.78 0.83 -0.53
C VAL A 34 -2.79 0.66 0.61
N CYS A 35 -1.53 1.03 0.36
CA CYS A 35 -0.49 0.93 1.37
C CYS A 35 -0.69 1.97 2.47
N VAL A 36 -0.92 1.50 3.69
CA VAL A 36 -1.12 2.39 4.83
C VAL A 36 0.04 2.31 5.80
N PRO A 37 0.25 3.39 6.57
CA PRO A 37 1.33 3.47 7.55
C PRO A 37 1.09 2.55 8.74
N ILE A 38 2.08 1.72 9.06
CA ILE A 38 1.97 0.80 10.18
C ILE A 38 2.71 1.33 11.41
N THR A 39 2.55 0.64 12.54
CA THR A 39 3.22 1.04 13.77
C THR A 39 3.82 -0.16 14.48
N GLY A 1 18.02 2.91 -5.29
CA GLY A 1 16.88 2.83 -4.39
C GLY A 1 15.63 3.41 -5.01
N ASN A 2 14.69 3.81 -4.15
CA ASN A 2 13.43 4.39 -4.60
C ASN A 2 12.69 3.42 -5.53
N GLU A 3 12.52 2.19 -5.07
CA GLU A 3 11.83 1.17 -5.85
C GLU A 3 10.76 0.46 -5.01
N CYS A 4 9.73 1.21 -4.63
CA CYS A 4 8.64 0.66 -3.83
C CYS A 4 7.45 1.61 -3.81
N ILE A 5 6.26 1.06 -3.52
CA ILE A 5 5.04 1.86 -3.48
C ILE A 5 5.02 2.74 -2.23
N ARG A 6 4.85 4.04 -2.45
CA ARG A 6 4.81 5.00 -1.34
C ARG A 6 3.55 4.80 -0.51
N LYS A 7 3.27 5.75 0.38
CA LYS A 7 2.11 5.67 1.25
C LYS A 7 0.87 6.23 0.54
N TRP A 8 -0.29 5.68 0.87
CA TRP A 8 -1.54 6.12 0.26
C TRP A 8 -1.55 5.83 -1.23
N LEU A 9 -1.08 4.66 -1.61
CA LEU A 9 -1.03 4.26 -3.02
C LEU A 9 -1.75 2.94 -3.24
N SER A 10 -2.30 2.76 -4.44
CA SER A 10 -3.02 1.55 -4.78
C SER A 10 -2.07 0.36 -4.88
N CYS A 11 -2.42 -0.74 -4.21
CA CYS A 11 -1.60 -1.93 -4.23
C CYS A 11 -2.44 -3.18 -4.49
N VAL A 12 -3.30 -3.10 -5.49
CA VAL A 12 -4.17 -4.21 -5.85
C VAL A 12 -3.38 -5.51 -5.96
N ASP A 13 -2.38 -5.52 -6.83
CA ASP A 13 -1.55 -6.70 -7.03
C ASP A 13 -0.09 -6.39 -6.69
N ARG A 14 0.11 -5.48 -5.75
CA ARG A 14 1.45 -5.10 -5.33
C ARG A 14 1.56 -5.07 -3.81
N LYS A 15 0.87 -5.99 -3.15
CA LYS A 15 0.88 -6.07 -1.70
C LYS A 15 2.31 -6.18 -1.17
N ASN A 16 3.16 -6.85 -1.93
CA ASN A 16 4.56 -7.01 -1.54
C ASN A 16 5.44 -5.93 -2.18
N ASP A 17 4.83 -4.80 -2.48
CA ASP A 17 5.56 -3.69 -3.09
C ASP A 17 5.60 -2.49 -2.16
N CYS A 18 4.66 -2.45 -1.21
CA CYS A 18 4.60 -1.36 -0.25
C CYS A 18 5.98 -1.04 0.32
N CYS A 19 6.31 0.24 0.37
CA CYS A 19 7.60 0.68 0.89
C CYS A 19 7.80 0.22 2.32
N GLU A 20 8.93 0.59 2.92
CA GLU A 20 9.24 0.20 4.29
C GLU A 20 8.43 1.03 5.28
N GLY A 21 7.59 0.36 6.05
CA GLY A 21 6.77 1.05 7.03
C GLY A 21 5.32 1.18 6.60
N LEU A 22 4.96 0.44 5.55
CA LEU A 22 3.60 0.46 5.03
C LEU A 22 3.06 -0.95 4.84
N GLU A 23 1.74 -1.07 4.76
CA GLU A 23 1.10 -2.37 4.57
C GLU A 23 -0.14 -2.24 3.69
N CYS A 24 -0.26 -3.13 2.71
CA CYS A 24 -1.39 -3.12 1.80
C CYS A 24 -2.69 -3.36 2.56
N TRP A 25 -3.41 -2.27 2.85
CA TRP A 25 -4.67 -2.37 3.57
C TRP A 25 -5.86 -2.27 2.60
N LYS A 26 -6.78 -3.22 2.71
CA LYS A 26 -7.96 -3.23 1.86
C LYS A 26 -9.03 -2.26 2.37
N ARG A 27 -9.59 -1.47 1.47
CA ARG A 27 -10.62 -0.51 1.83
C ARG A 27 -12.01 -1.06 1.55
N ARG A 28 -13.03 -0.37 2.04
CA ARG A 28 -14.42 -0.79 1.85
C ARG A 28 -15.07 0.01 0.73
N GLY A 29 -15.27 1.31 0.98
CA GLY A 29 -15.89 2.17 -0.01
C GLY A 29 -15.00 2.41 -1.21
N ASN A 30 -13.70 2.58 -0.96
CA ASN A 30 -12.75 2.83 -2.02
C ASN A 30 -12.69 1.64 -2.99
N LYS A 31 -12.87 0.44 -2.46
CA LYS A 31 -12.84 -0.77 -3.27
C LYS A 31 -11.48 -0.93 -3.96
N SER A 32 -10.43 -0.51 -3.27
CA SER A 32 -9.08 -0.61 -3.82
C SER A 32 -8.03 -0.55 -2.71
N SER A 33 -7.49 -1.72 -2.36
CA SER A 33 -6.48 -1.79 -1.31
C SER A 33 -5.35 -0.80 -1.56
N VAL A 34 -4.87 -0.20 -0.47
CA VAL A 34 -3.79 0.78 -0.57
C VAL A 34 -2.80 0.62 0.57
N CYS A 35 -1.55 0.99 0.33
CA CYS A 35 -0.51 0.88 1.34
C CYS A 35 -0.71 1.92 2.44
N VAL A 36 -0.94 1.45 3.66
CA VAL A 36 -1.15 2.34 4.80
C VAL A 36 0.01 2.26 5.78
N PRO A 37 0.21 3.34 6.54
CA PRO A 37 1.29 3.42 7.53
C PRO A 37 1.05 2.50 8.73
N ILE A 38 2.04 1.67 9.04
CA ILE A 38 1.93 0.74 10.16
C ILE A 38 2.67 1.27 11.39
N THR A 39 2.52 0.59 12.51
CA THR A 39 3.17 0.98 13.75
C THR A 39 4.16 -0.09 14.21
#